data_3R9I
#
_entry.id   3R9I
#
_cell.length_a   64.293
_cell.length_b   71.796
_cell.length_c   76.644
_cell.angle_alpha   102.640
_cell.angle_beta   95.870
_cell.angle_gamma   111.720
#
_symmetry.space_group_name_H-M   'P 1'
#
loop_
_entity.id
_entity.type
_entity.pdbx_description
1 polymer 'Septum site-determining protein minD'
2 polymer 'Cell division topological specificity factor'
3 non-polymer "ADENOSINE-5'-DIPHOSPHATE"
4 water water
#
loop_
_entity_poly.entity_id
_entity_poly.type
_entity_poly.pdbx_seq_one_letter_code
_entity_poly.pdbx_strand_id
1 'polypeptide(L)'
;MARIIVVTSGKGGVGKTTSSAAIATGLAQKGKKTVVIDFAIGLRNLDLIMGCERRVVYDFVNVIQGDATLNQALIKDKRT
ENLYILPASQTRDKDALTREGVAKVLDDLKAMDFEFIVCDSPAGIETGALMALYFADEAIITTNPEVSSVRDSDRILGIL
ASKSRRAENGEEPIKEHLLLTRYNPGRVSRGDMLSMEDVLEILRIKLVGVIPEDQSVLRASNQGEPVILDINADAGKAYA
DTVERLLGEERPFRFIEEEK
;
A,B,C,D
2 'polypeptide(L)' KNTANIAKERLQIIVAERRR E,F,G,H
#
# COMPACT_ATOMS: atom_id res chain seq x y z
N ALA A 2 12.17 35.64 22.52
CA ALA A 2 11.58 34.45 23.10
C ALA A 2 10.42 33.97 22.24
N ARG A 3 10.45 32.70 21.87
CA ARG A 3 9.37 32.06 21.19
C ARG A 3 8.38 31.45 22.20
N ILE A 4 7.18 32.02 22.28
CA ILE A 4 6.11 31.46 23.08
C ILE A 4 5.34 30.43 22.25
N ILE A 5 5.49 29.15 22.58
CA ILE A 5 4.84 28.08 21.81
C ILE A 5 3.73 27.38 22.59
N VAL A 6 2.49 27.54 22.14
CA VAL A 6 1.37 26.85 22.78
C VAL A 6 1.24 25.47 22.19
N VAL A 7 1.14 24.46 23.07
CA VAL A 7 0.79 23.10 22.69
C VAL A 7 -0.71 22.91 22.96
N THR A 8 -1.51 22.85 21.89
CA THR A 8 -2.97 22.91 22.00
C THR A 8 -3.64 21.73 21.30
N SER A 9 -4.97 21.65 21.27
CA SER A 9 -5.60 20.49 20.63
C SER A 9 -7.11 20.51 20.60
N GLY A 10 -7.74 21.05 21.64
CA GLY A 10 -9.17 20.98 21.78
C GLY A 10 -9.59 19.66 22.40
N LYS A 11 -9.34 18.56 21.69
CA LYS A 11 -9.66 17.22 22.17
C LYS A 11 -8.84 16.92 23.42
N GLY A 12 -9.44 16.29 24.41
CA GLY A 12 -8.70 15.84 25.56
C GLY A 12 -7.95 14.54 25.32
N GLY A 13 -6.81 14.38 25.97
CA GLY A 13 -6.06 13.14 25.93
C GLY A 13 -5.42 12.73 24.61
N VAL A 14 -4.87 13.68 23.88
CA VAL A 14 -4.22 13.37 22.63
C VAL A 14 -2.71 13.33 22.76
N GLY A 15 -2.17 13.92 23.82
CA GLY A 15 -0.73 13.92 24.02
C GLY A 15 -0.10 15.28 24.24
N LYS A 16 -0.90 16.29 24.56
CA LYS A 16 -0.40 17.64 24.85
C LYS A 16 0.65 17.65 25.95
N THR A 17 0.36 17.00 27.08
CA THR A 17 1.26 16.95 28.23
C THR A 17 2.55 16.19 27.91
N THR A 18 2.40 15.04 27.28
CA THR A 18 3.52 14.22 26.86
C THR A 18 4.39 15.02 25.94
N SER A 19 3.78 15.72 24.98
CA SER A 19 4.50 16.49 23.99
C SER A 19 5.14 17.76 24.58
N SER A 20 4.39 18.48 25.43
CA SER A 20 4.89 19.70 26.07
C SER A 20 6.13 19.33 26.91
N ALA A 21 6.07 18.18 27.58
CA ALA A 21 7.14 17.73 28.42
C ALA A 21 8.34 17.28 27.61
N ALA A 22 8.14 16.35 26.70
CA ALA A 22 9.23 15.88 25.86
C ALA A 22 9.90 17.02 25.05
N ILE A 23 9.10 17.90 24.44
CA ILE A 23 9.64 18.99 23.67
C ILE A 23 10.36 20.01 24.55
N ALA A 24 9.81 20.38 25.71
CA ALA A 24 10.49 21.39 26.56
C ALA A 24 11.86 20.82 26.97
N THR A 25 11.89 19.54 27.35
CA THR A 25 13.10 18.84 27.72
C THR A 25 14.12 18.79 26.57
N GLY A 26 13.70 18.31 25.42
CA GLY A 26 14.53 18.35 24.23
C GLY A 26 15.16 19.69 23.91
N LEU A 27 14.38 20.78 24.01
CA LEU A 27 14.88 22.14 23.76
C LEU A 27 15.93 22.48 24.80
N ALA A 28 15.68 22.10 26.05
CA ALA A 28 16.60 22.36 27.15
C ALA A 28 17.91 21.63 26.89
N GLN A 29 17.79 20.38 26.47
CA GLN A 29 18.97 19.56 26.20
C GLN A 29 19.85 20.25 25.16
N LYS A 30 19.22 20.89 24.17
CA LYS A 30 19.95 21.59 23.10
C LYS A 30 20.51 22.93 23.58
N GLY A 31 20.48 23.18 24.89
CA GLY A 31 21.11 24.35 25.44
C GLY A 31 20.24 25.60 25.46
N LYS A 32 19.00 25.49 25.00
CA LYS A 32 18.06 26.61 25.01
C LYS A 32 17.34 26.66 26.36
N LYS A 33 17.50 27.75 27.09
CA LYS A 33 16.80 27.94 28.34
C LYS A 33 15.28 27.94 28.13
N THR A 34 14.59 26.98 28.72
CA THR A 34 13.19 26.76 28.45
C THR A 34 12.35 26.65 29.69
N VAL A 35 11.17 27.27 29.71
CA VAL A 35 10.19 26.99 30.75
C VAL A 35 8.92 26.39 30.12
N VAL A 36 8.33 25.40 30.77
CA VAL A 36 7.07 24.83 30.33
C VAL A 36 6.04 25.14 31.43
N ILE A 37 4.91 25.72 31.06
CA ILE A 37 3.90 26.18 32.00
C ILE A 37 2.63 25.40 31.85
N ASP A 38 2.09 24.90 32.95
CA ASP A 38 0.82 24.18 32.95
C ASP A 38 -0.33 25.20 33.06
N PHE A 39 -1.15 25.32 32.01
CA PHE A 39 -2.24 26.28 31.97
C PHE A 39 -3.56 25.69 32.43
N ALA A 40 -3.55 24.46 32.94
CA ALA A 40 -4.79 23.84 33.42
C ALA A 40 -5.42 24.59 34.64
N ILE A 41 -6.73 24.49 34.77
CA ILE A 41 -7.44 25.09 35.88
C ILE A 41 -7.90 24.02 36.87
N GLY A 42 -7.12 23.79 37.91
CA GLY A 42 -7.53 22.93 39.00
C GLY A 42 -7.02 21.50 38.90
N LEU A 43 -6.30 21.20 37.83
CA LEU A 43 -5.79 19.85 37.64
C LEU A 43 -4.33 19.96 37.34
N ARG A 44 -3.53 19.34 38.17
CA ARG A 44 -2.10 19.41 38.04
C ARG A 44 -1.63 18.11 37.37
N ASN A 45 -1.34 18.15 36.06
CA ASN A 45 -0.79 16.98 35.37
C ASN A 45 0.63 17.15 34.84
N LEU A 46 1.05 18.39 34.57
CA LEU A 46 2.42 18.63 34.08
C LEU A 46 3.48 18.20 35.12
N ASP A 47 3.32 18.63 36.36
CA ASP A 47 4.23 18.22 37.43
C ASP A 47 4.35 16.71 37.59
N LEU A 48 3.27 15.99 37.32
CA LEU A 48 3.28 14.53 37.43
C LEU A 48 4.09 13.87 36.32
N ILE A 49 4.05 14.44 35.13
CA ILE A 49 4.77 13.89 33.97
C ILE A 49 6.25 14.27 33.98
N MET A 50 6.57 15.48 34.48
CA MET A 50 7.93 15.97 34.65
C MET A 50 8.63 15.38 35.89
N GLY A 51 7.85 14.72 36.75
CA GLY A 51 8.39 14.06 37.93
C GLY A 51 8.70 14.99 39.10
N CYS A 52 8.05 16.13 39.17
CA CYS A 52 8.34 17.05 40.24
C CYS A 52 7.09 17.39 41.03
N GLU A 53 6.17 16.43 41.15
CA GLU A 53 4.90 16.66 41.83
C GLU A 53 5.06 17.00 43.31
N ARG A 54 6.19 16.64 43.89
CA ARG A 54 6.40 16.85 45.32
C ARG A 54 7.27 18.07 45.66
N ARG A 55 7.79 18.76 44.65
CA ARG A 55 8.53 20.00 44.89
C ARG A 55 7.67 21.23 44.60
N VAL A 56 6.40 20.99 44.29
CA VAL A 56 5.48 22.06 43.97
C VAL A 56 5.05 22.77 45.22
N VAL A 57 5.57 23.98 45.44
CA VAL A 57 5.13 24.79 46.58
C VAL A 57 4.15 25.88 46.14
N TYR A 58 4.55 26.70 45.18
CA TYR A 58 3.68 27.73 44.65
C TYR A 58 3.42 27.47 43.17
N ASP A 59 2.28 27.94 42.66
CA ASP A 59 1.92 27.71 41.27
C ASP A 59 1.60 28.98 40.49
N PHE A 60 1.13 28.78 39.26
CA PHE A 60 0.94 29.84 38.27
C PHE A 60 0.00 30.91 38.83
N VAL A 61 -1.12 30.50 39.40
CA VAL A 61 -2.08 31.44 39.97
C VAL A 61 -1.59 32.10 41.26
N ASN A 62 -0.76 31.43 42.03
CA ASN A 62 -0.12 32.06 43.16
C ASN A 62 0.71 33.27 42.71
N VAL A 63 1.44 33.12 41.61
CA VAL A 63 2.27 34.20 41.10
C VAL A 63 1.43 35.36 40.59
N ILE A 64 0.31 35.06 39.96
CA ILE A 64 -0.57 36.08 39.40
C ILE A 64 -1.26 36.86 40.52
N GLN A 65 -1.62 36.21 41.62
CA GLN A 65 -2.25 36.91 42.73
C GLN A 65 -1.26 37.48 43.76
N GLY A 66 0.02 37.51 43.41
CA GLY A 66 1.04 38.08 44.27
C GLY A 66 1.28 37.36 45.59
N ASP A 67 0.93 36.09 45.66
CA ASP A 67 1.26 35.31 46.85
C ASP A 67 2.62 34.67 46.70
N ALA A 68 3.24 34.78 45.53
CA ALA A 68 4.57 34.20 45.36
C ALA A 68 5.29 34.85 44.20
N THR A 69 6.62 34.83 44.20
CA THR A 69 7.37 35.36 43.06
C THR A 69 7.55 34.27 42.04
N LEU A 70 7.88 34.65 40.81
CA LEU A 70 8.17 33.69 39.76
C LEU A 70 9.29 32.77 40.21
N ASN A 71 10.28 33.32 40.89
CA ASN A 71 11.36 32.51 41.46
C ASN A 71 10.90 31.48 42.49
N GLN A 72 9.90 31.83 43.29
CA GLN A 72 9.39 30.89 44.30
C GLN A 72 8.56 29.78 43.66
N ALA A 73 7.89 30.06 42.55
CA ALA A 73 7.01 29.07 41.95
C ALA A 73 7.71 28.21 40.89
N LEU A 74 8.72 28.74 40.19
CA LEU A 74 9.43 27.96 39.18
C LEU A 74 10.17 26.82 39.84
N ILE A 75 10.09 25.66 39.23
CA ILE A 75 10.79 24.48 39.69
C ILE A 75 11.89 24.17 38.68
N LYS A 76 13.15 24.22 39.11
CA LYS A 76 14.25 23.91 38.20
C LYS A 76 14.34 22.41 38.12
N ASP A 77 14.24 21.86 36.92
CA ASP A 77 14.37 20.41 36.73
C ASP A 77 15.74 19.95 37.24
N LYS A 78 15.78 18.78 37.87
CA LYS A 78 17.01 18.26 38.48
C LYS A 78 17.80 17.43 37.48
N ARG A 79 17.10 16.85 36.52
CA ARG A 79 17.67 15.86 35.63
C ARG A 79 18.28 16.50 34.41
N THR A 80 17.67 17.58 33.92
CA THR A 80 18.10 18.27 32.69
C THR A 80 18.44 19.73 32.96
N GLU A 81 19.66 20.12 32.63
CA GLU A 81 20.05 21.51 32.76
C GLU A 81 19.21 22.36 31.78
N ASN A 82 18.98 23.62 32.16
CA ASN A 82 18.33 24.59 31.30
C ASN A 82 16.82 24.53 31.28
N LEU A 83 16.22 23.71 32.14
CA LEU A 83 14.79 23.43 32.08
C LEU A 83 14.07 23.82 33.37
N TYR A 84 12.91 24.47 33.24
CA TYR A 84 12.12 24.92 34.37
C TYR A 84 10.63 24.63 34.17
N ILE A 85 9.86 24.51 35.25
CA ILE A 85 8.46 24.13 35.17
C ILE A 85 7.65 25.06 36.03
N LEU A 86 6.60 25.65 35.49
CA LEU A 86 5.68 26.46 36.29
C LEU A 86 4.40 25.67 36.43
N PRO A 87 4.09 25.19 37.62
CA PRO A 87 2.95 24.29 37.65
C PRO A 87 1.58 24.97 37.76
N ALA A 88 0.53 24.20 37.49
CA ALA A 88 -0.83 24.72 37.45
C ALA A 88 -1.43 24.96 38.81
N SER A 89 -2.33 25.92 38.90
CA SER A 89 -3.13 26.15 40.10
C SER A 89 -4.04 24.97 40.39
N GLN A 90 -4.51 24.87 41.63
CA GLN A 90 -5.44 23.80 42.01
C GLN A 90 -6.77 24.31 42.58
N THR A 91 -7.16 25.51 42.18
CA THR A 91 -8.46 26.05 42.57
C THR A 91 -9.45 25.82 41.42
N ARG A 92 -10.73 25.73 41.74
CA ARG A 92 -11.74 25.57 40.70
C ARG A 92 -12.12 26.90 40.05
N ASP A 93 -11.61 28.02 40.56
CA ASP A 93 -12.03 29.35 40.09
C ASP A 93 -11.63 29.64 38.63
N LYS A 94 -12.62 29.73 37.73
CA LYS A 94 -12.36 30.01 36.30
C LYS A 94 -11.72 31.40 36.05
N ASP A 95 -12.12 32.41 36.82
CA ASP A 95 -11.49 33.74 36.77
C ASP A 95 -9.97 33.67 36.85
N ALA A 96 -9.50 32.96 37.88
CA ALA A 96 -8.12 33.04 38.39
C ALA A 96 -7.07 33.47 37.39
N LEU A 97 -7.02 32.82 36.24
CA LEU A 97 -6.07 33.16 35.20
C LEU A 97 -6.55 34.40 34.41
N THR A 98 -5.96 35.56 34.66
CA THR A 98 -6.39 36.76 33.96
C THR A 98 -5.45 37.04 32.79
N ARG A 99 -5.97 37.67 31.75
CA ARG A 99 -5.16 38.09 30.62
C ARG A 99 -4.01 39.03 31.06
N GLU A 100 -4.31 39.96 31.95
CA GLU A 100 -3.29 40.90 32.42
C GLU A 100 -2.29 40.15 33.25
N GLY A 101 -2.78 39.16 34.00
CA GLY A 101 -1.95 38.38 34.89
C GLY A 101 -0.96 37.51 34.14
N VAL A 102 -1.46 36.79 33.15
CA VAL A 102 -0.64 35.93 32.31
C VAL A 102 0.42 36.73 31.54
N ALA A 103 0.03 37.90 31.04
CA ALA A 103 0.93 38.76 30.27
C ALA A 103 2.10 39.21 31.14
N LYS A 104 1.80 39.57 32.37
CA LYS A 104 2.81 40.03 33.30
C LYS A 104 3.81 38.91 33.58
N VAL A 105 3.32 37.70 33.81
CA VAL A 105 4.18 36.53 33.99
C VAL A 105 5.07 36.26 32.74
N LEU A 106 4.48 36.29 31.55
CA LEU A 106 5.28 36.06 30.34
C LEU A 106 6.36 37.13 30.14
N ASP A 107 6.08 38.38 30.47
CA ASP A 107 7.12 39.41 30.36
C ASP A 107 8.24 39.17 31.34
N ASP A 108 7.91 38.81 32.57
CA ASP A 108 8.93 38.46 33.57
C ASP A 108 9.83 37.33 33.07
N LEU A 109 9.24 36.35 32.39
CA LEU A 109 10.00 35.22 31.92
C LEU A 109 10.94 35.62 30.78
N LYS A 110 10.47 36.45 29.85
CA LYS A 110 11.34 37.00 28.82
C LYS A 110 12.50 37.77 29.50
N ALA A 111 12.19 38.50 30.57
CA ALA A 111 13.20 39.30 31.28
C ALA A 111 14.22 38.40 31.99
N MET A 112 13.79 37.19 32.35
CA MET A 112 14.71 36.23 32.94
C MET A 112 15.52 35.49 31.89
N ASP A 113 15.40 35.90 30.63
CA ASP A 113 16.18 35.32 29.55
C ASP A 113 15.77 33.93 29.07
N PHE A 114 14.49 33.57 29.22
CA PHE A 114 14.02 32.32 28.63
C PHE A 114 13.91 32.47 27.10
N GLU A 115 14.48 31.52 26.36
CA GLU A 115 14.37 31.50 24.91
C GLU A 115 13.05 30.87 24.46
N PHE A 116 12.60 29.87 25.19
CA PHE A 116 11.40 29.15 24.81
C PHE A 116 10.48 29.10 25.98
N ILE A 117 9.28 29.63 25.80
CA ILE A 117 8.22 29.47 26.77
C ILE A 117 7.17 28.51 26.19
N VAL A 118 7.19 27.27 26.65
CA VAL A 118 6.26 26.26 26.16
C VAL A 118 5.01 26.27 27.02
N CYS A 119 3.87 26.61 26.45
CA CYS A 119 2.60 26.67 27.16
C CYS A 119 1.79 25.36 26.96
N ASP A 120 1.79 24.50 27.97
CA ASP A 120 1.02 23.26 27.96
C ASP A 120 -0.48 23.54 28.21
N SER A 121 -1.26 23.68 27.14
CA SER A 121 -2.68 23.99 27.24
C SER A 121 -3.54 22.84 27.72
N PRO A 122 -4.62 23.15 28.44
CA PRO A 122 -5.63 22.13 28.76
C PRO A 122 -6.54 21.82 27.54
N ALA A 123 -7.47 20.87 27.67
CA ALA A 123 -8.48 20.64 26.63
C ALA A 123 -9.48 21.79 26.60
N GLY A 124 -10.29 21.78 25.56
CA GLY A 124 -11.38 22.71 25.45
C GLY A 124 -11.00 23.94 24.67
N ILE A 125 -11.95 24.87 24.64
CA ILE A 125 -11.77 26.12 23.96
C ILE A 125 -12.22 27.26 24.89
N GLU A 126 -12.55 26.90 26.11
CA GLU A 126 -13.07 27.84 27.09
C GLU A 126 -11.94 28.72 27.67
N THR A 127 -11.69 28.65 28.97
CA THR A 127 -10.83 29.64 29.64
C THR A 127 -9.33 29.30 29.64
N GLY A 128 -8.96 28.16 30.21
CA GLY A 128 -7.55 27.81 30.31
C GLY A 128 -6.87 27.66 28.96
N ALA A 129 -7.59 27.13 27.98
CA ALA A 129 -7.05 26.88 26.66
C ALA A 129 -6.90 28.19 25.87
N LEU A 130 -7.89 29.07 26.00
CA LEU A 130 -7.86 30.36 25.35
C LEU A 130 -6.66 31.15 25.88
N MET A 131 -6.43 31.08 27.18
CA MET A 131 -5.34 31.80 27.82
C MET A 131 -3.94 31.34 27.40
N ALA A 132 -3.82 30.06 27.07
CA ALA A 132 -2.54 29.47 26.67
C ALA A 132 -2.15 29.85 25.23
N LEU A 133 -3.13 30.09 24.37
CA LEU A 133 -2.83 30.40 23.00
C LEU A 133 -2.83 31.91 22.76
N TYR A 134 -3.57 32.65 23.56
CA TYR A 134 -3.69 34.08 23.38
C TYR A 134 -2.38 34.85 23.08
N PHE A 135 -1.29 34.54 23.77
CA PHE A 135 -0.04 35.27 23.55
C PHE A 135 0.96 34.50 22.71
N ALA A 136 0.54 33.39 22.14
CA ALA A 136 1.46 32.51 21.43
C ALA A 136 2.04 33.18 20.18
N ASP A 137 3.26 32.78 19.83
CA ASP A 137 3.84 33.09 18.53
C ASP A 137 3.71 31.88 17.64
N GLU A 138 3.61 30.70 18.25
CA GLU A 138 3.43 29.48 17.47
C GLU A 138 2.48 28.56 18.21
N ALA A 139 1.88 27.64 17.48
CA ALA A 139 0.96 26.67 18.04
C ALA A 139 1.34 25.32 17.47
N ILE A 140 1.50 24.35 18.35
CA ILE A 140 1.64 22.96 17.96
C ILE A 140 0.25 22.35 18.15
N ILE A 141 -0.47 22.15 17.07
CA ILE A 141 -1.77 21.49 17.12
C ILE A 141 -1.59 19.98 17.24
N THR A 142 -1.91 19.41 18.41
CA THR A 142 -1.65 18.02 18.71
C THR A 142 -2.87 17.17 18.39
N THR A 143 -2.69 16.15 17.56
CA THR A 143 -3.83 15.47 16.92
C THR A 143 -3.61 13.97 16.85
N ASN A 144 -4.65 13.17 17.06
CA ASN A 144 -4.61 11.74 16.79
C ASN A 144 -5.29 11.41 15.49
N PRO A 145 -4.97 10.26 14.89
CA PRO A 145 -5.66 9.87 13.68
C PRO A 145 -7.01 9.36 14.06
N GLU A 146 -7.87 10.23 14.57
CA GLU A 146 -9.16 9.80 15.07
C GLU A 146 -10.15 10.93 14.83
N VAL A 147 -11.42 10.59 14.68
CA VAL A 147 -12.44 11.51 14.15
C VAL A 147 -12.76 12.71 15.08
N SER A 148 -12.88 12.46 16.38
CA SER A 148 -13.10 13.50 17.38
C SER A 148 -11.93 14.51 17.44
N SER A 149 -10.72 13.97 17.39
CA SER A 149 -9.50 14.77 17.52
C SER A 149 -9.29 15.67 16.31
N VAL A 150 -9.48 15.11 15.10
CA VAL A 150 -9.38 15.91 13.90
C VAL A 150 -10.49 16.98 13.86
N ARG A 151 -11.71 16.66 14.29
CA ARG A 151 -12.74 17.68 14.30
C ARG A 151 -12.42 18.80 15.28
N ASP A 152 -11.90 18.45 16.46
CA ASP A 152 -11.63 19.43 17.51
C ASP A 152 -10.38 20.26 17.22
N SER A 153 -9.41 19.70 16.49
CA SER A 153 -8.25 20.46 16.06
C SER A 153 -8.67 21.51 15.07
N ASP A 154 -9.61 21.17 14.20
CA ASP A 154 -10.10 22.16 13.25
C ASP A 154 -10.76 23.34 13.98
N ARG A 155 -11.45 23.06 15.09
CA ARG A 155 -12.14 24.13 15.78
C ARG A 155 -11.09 25.04 16.40
N ILE A 156 -10.05 24.43 16.95
CA ILE A 156 -8.95 25.17 17.54
C ILE A 156 -8.23 26.03 16.51
N LEU A 157 -8.14 25.59 15.26
CA LEU A 157 -7.51 26.41 14.23
C LEU A 157 -8.34 27.69 14.00
N GLY A 158 -9.66 27.55 14.08
CA GLY A 158 -10.56 28.69 13.98
C GLY A 158 -10.35 29.67 15.11
N ILE A 159 -10.08 29.17 16.32
CA ILE A 159 -9.80 30.05 17.45
C ILE A 159 -8.42 30.71 17.35
N LEU A 160 -7.42 29.96 16.89
CA LEU A 160 -6.09 30.52 16.74
C LEU A 160 -6.15 31.68 15.80
N ALA A 161 -7.05 31.61 14.82
CA ALA A 161 -7.06 32.58 13.74
C ALA A 161 -7.95 33.78 14.04
N SER A 162 -8.71 33.72 15.12
CA SER A 162 -9.63 34.82 15.43
C SER A 162 -9.63 35.35 16.87
N LYS A 163 -9.08 34.60 17.82
CA LYS A 163 -9.19 34.99 19.22
C LYS A 163 -7.83 35.17 19.89
N SER A 164 -6.75 34.86 19.19
CA SER A 164 -5.41 35.11 19.64
C SER A 164 -5.11 36.63 19.60
N ARG A 165 -4.10 37.09 20.31
CA ARG A 165 -3.76 38.51 20.33
C ARG A 165 -3.28 38.93 18.96
N ARG A 166 -2.55 38.04 18.27
CA ARG A 166 -2.05 38.35 16.95
C ARG A 166 -3.17 38.51 15.92
N ALA A 167 -4.19 37.67 16.02
CA ALA A 167 -5.32 37.77 15.11
C ALA A 167 -6.19 39.01 15.37
N GLU A 168 -6.45 39.28 16.64
CA GLU A 168 -7.25 40.43 17.02
C GLU A 168 -6.56 41.79 16.77
N ASN A 169 -5.29 41.78 16.36
CA ASN A 169 -4.55 43.01 16.07
C ASN A 169 -3.91 43.04 14.69
N GLY A 170 -4.30 42.14 13.80
CA GLY A 170 -3.73 42.13 12.47
C GLY A 170 -2.22 42.05 12.44
N GLU A 171 -1.64 41.38 13.43
CA GLU A 171 -0.22 41.10 13.42
C GLU A 171 0.03 39.86 12.58
N GLU A 172 1.29 39.60 12.29
CA GLU A 172 1.71 38.35 11.71
C GLU A 172 0.98 37.22 12.46
N PRO A 173 0.25 36.37 11.75
CA PRO A 173 -0.53 35.32 12.43
C PRO A 173 0.32 34.23 13.12
N ILE A 174 -0.25 33.60 14.16
CA ILE A 174 0.39 32.50 14.87
C ILE A 174 0.90 31.46 13.85
N LYS A 175 2.14 31.03 13.99
CA LYS A 175 2.74 30.06 13.09
C LYS A 175 2.22 28.68 13.51
N GLU A 176 1.54 27.95 12.65
CA GLU A 176 0.88 26.70 13.07
C GLU A 176 1.60 25.47 12.59
N HIS A 177 1.69 24.45 13.44
CA HIS A 177 2.31 23.18 13.08
C HIS A 177 1.45 22.01 13.56
N LEU A 178 1.45 20.93 12.80
CA LEU A 178 0.67 19.76 13.15
C LEU A 178 1.60 18.74 13.76
N LEU A 179 1.34 18.35 15.00
CA LEU A 179 2.04 17.24 15.66
C LEU A 179 1.06 16.04 15.67
N LEU A 180 1.26 15.10 14.76
CA LEU A 180 0.34 13.97 14.62
C LEU A 180 0.84 12.94 15.60
N THR A 181 -0.01 12.53 16.51
CA THR A 181 0.47 11.75 17.65
C THR A 181 -0.31 10.43 17.82
N ARG A 182 0.36 9.42 18.38
CA ARG A 182 -0.20 8.07 18.49
C ARG A 182 -0.51 7.47 17.12
N TYR A 183 0.41 7.69 16.20
CA TYR A 183 0.31 7.12 14.85
C TYR A 183 0.69 5.63 14.85
N ASN A 184 0.08 4.88 13.92
CA ASN A 184 0.30 3.44 13.82
C ASN A 184 0.24 3.01 12.34
N PRO A 185 1.39 3.04 11.64
CA PRO A 185 1.42 2.79 10.19
C PRO A 185 0.75 1.47 9.79
N GLY A 186 0.90 0.43 10.60
CA GLY A 186 0.26 -0.85 10.37
C GLY A 186 -1.26 -0.75 10.36
N ARG A 187 -1.80 0.00 11.30
CA ARG A 187 -3.24 0.23 11.33
C ARG A 187 -3.69 1.00 10.11
N VAL A 188 -2.84 1.92 9.64
CA VAL A 188 -3.21 2.76 8.49
C VAL A 188 -3.34 1.87 7.25
N SER A 189 -2.40 0.95 7.08
CA SER A 189 -2.40 0.14 5.85
C SER A 189 -3.47 -0.94 5.85
N ARG A 190 -3.92 -1.40 7.01
CA ARG A 190 -5.05 -2.32 7.06
C ARG A 190 -6.36 -1.56 6.93
N GLY A 191 -6.28 -0.27 6.65
CA GLY A 191 -7.48 0.54 6.45
C GLY A 191 -8.25 0.90 7.73
N ASP A 192 -7.65 0.75 8.91
CA ASP A 192 -8.37 1.01 10.16
C ASP A 192 -8.13 2.42 10.74
N MET A 193 -7.17 3.16 10.21
CA MET A 193 -6.76 4.40 10.84
C MET A 193 -6.47 5.43 9.77
N LEU A 194 -7.07 6.62 9.91
CA LEU A 194 -6.68 7.77 9.11
C LEU A 194 -5.17 7.81 8.96
N SER A 195 -4.68 7.99 7.75
CA SER A 195 -3.24 8.14 7.51
C SER A 195 -2.78 9.57 7.77
N MET A 196 -1.47 9.74 7.82
CA MET A 196 -0.89 11.05 7.96
C MET A 196 -1.41 11.99 6.87
N GLU A 197 -1.47 11.49 5.65
CA GLU A 197 -1.92 12.33 4.54
C GLU A 197 -3.40 12.66 4.61
N ASP A 198 -4.24 11.73 5.03
CA ASP A 198 -5.64 12.06 5.25
C ASP A 198 -5.78 13.23 6.19
N VAL A 199 -4.98 13.24 7.27
CA VAL A 199 -5.07 14.29 8.29
C VAL A 199 -4.55 15.62 7.74
N LEU A 200 -3.51 15.60 6.91
CA LEU A 200 -3.05 16.84 6.32
C LEU A 200 -4.04 17.40 5.29
N GLU A 201 -4.73 16.54 4.56
CA GLU A 201 -5.64 17.06 3.57
C GLU A 201 -6.81 17.73 4.29
N ILE A 202 -7.09 17.34 5.53
CA ILE A 202 -8.19 17.99 6.25
C ILE A 202 -7.76 19.26 7.00
N LEU A 203 -6.77 19.13 7.89
CA LEU A 203 -6.23 20.27 8.65
C LEU A 203 -5.03 20.76 7.88
N ARG A 204 -5.16 21.79 7.07
CA ARG A 204 -4.12 22.00 6.07
C ARG A 204 -2.98 22.85 6.56
N ILE A 205 -2.14 22.26 7.41
CA ILE A 205 -1.02 22.97 8.00
C ILE A 205 0.25 22.12 7.91
N LYS A 206 1.39 22.75 8.17
CA LYS A 206 2.70 22.11 8.04
C LYS A 206 2.91 21.05 9.11
N LEU A 207 3.30 19.85 8.69
CA LEU A 207 3.69 18.80 9.63
C LEU A 207 5.01 19.11 10.34
N VAL A 208 5.03 19.08 11.66
CA VAL A 208 6.26 19.29 12.41
C VAL A 208 6.74 18.03 13.16
N GLY A 209 5.87 17.04 13.37
CA GLY A 209 6.32 15.76 13.86
C GLY A 209 5.26 14.69 13.80
N VAL A 210 5.68 13.44 13.90
CA VAL A 210 4.74 12.32 13.97
C VAL A 210 5.22 11.39 15.04
N ILE A 211 4.45 11.24 16.12
CA ILE A 211 4.86 10.42 17.25
C ILE A 211 4.19 9.06 17.20
N PRO A 212 4.97 8.00 17.02
CA PRO A 212 4.31 6.68 16.98
C PRO A 212 3.70 6.29 18.32
N GLU A 213 2.59 5.55 18.28
CA GLU A 213 2.13 4.78 19.43
C GLU A 213 3.30 4.02 20.00
N ASP A 214 3.55 4.16 21.29
CA ASP A 214 4.74 3.56 21.87
C ASP A 214 4.45 3.11 23.31
N GLN A 215 4.76 1.87 23.63
CA GLN A 215 4.55 1.41 25.00
C GLN A 215 5.51 2.11 25.99
N SER A 216 6.46 2.88 25.48
CA SER A 216 7.42 3.60 26.34
C SER A 216 6.76 4.82 27.01
N VAL A 217 5.69 5.32 26.44
CA VAL A 217 5.08 6.53 26.97
C VAL A 217 4.37 6.26 28.31
N LEU A 218 3.68 5.13 28.46
CA LEU A 218 3.09 4.79 29.75
C LEU A 218 4.17 4.58 30.83
N ARG A 219 5.25 3.87 30.48
CA ARG A 219 6.37 3.65 31.40
C ARG A 219 7.03 4.95 31.78
N ALA A 220 7.05 5.92 30.86
CA ALA A 220 7.67 7.22 31.15
C ALA A 220 6.88 8.03 32.18
N SER A 221 5.57 8.18 31.98
CA SER A 221 4.76 8.88 32.98
C SER A 221 4.69 8.13 34.33
N ASN A 222 4.78 6.80 34.31
CA ASN A 222 4.81 6.02 35.55
C ASN A 222 5.96 6.50 36.44
N GLN A 223 7.14 6.72 35.84
CA GLN A 223 8.34 7.19 36.54
C GLN A 223 8.43 8.70 36.71
N GLY A 224 7.61 9.47 36.01
CA GLY A 224 7.75 10.92 35.99
C GLY A 224 8.99 11.37 35.23
N GLU A 225 9.25 10.72 34.10
CA GLU A 225 10.41 11.00 33.28
C GLU A 225 10.00 11.17 31.79
N PRO A 226 10.01 12.40 31.28
CA PRO A 226 9.54 12.68 29.93
C PRO A 226 10.14 11.70 28.93
N VAL A 227 9.40 11.34 27.87
CA VAL A 227 9.74 10.17 27.08
C VAL A 227 10.95 10.40 26.16
N ILE A 228 11.34 11.65 25.99
CA ILE A 228 12.52 11.92 25.16
C ILE A 228 13.80 11.43 25.87
N LEU A 229 13.72 11.25 27.18
CA LEU A 229 14.89 10.85 27.97
C LEU A 229 15.18 9.36 27.85
N ASP A 230 14.23 8.63 27.28
CA ASP A 230 14.38 7.20 27.07
C ASP A 230 14.93 6.98 25.65
N ILE A 231 16.24 6.75 25.56
CA ILE A 231 16.91 6.81 24.26
C ILE A 231 16.59 5.63 23.36
N ASN A 232 15.91 4.62 23.91
CA ASN A 232 15.42 3.51 23.10
C ASN A 232 13.98 3.63 22.63
N ALA A 233 13.25 4.63 23.13
CA ALA A 233 11.85 4.75 22.79
C ALA A 233 11.63 5.42 21.42
N ASP A 234 10.83 4.81 20.56
CA ASP A 234 10.57 5.40 19.26
C ASP A 234 9.88 6.76 19.42
N ALA A 235 8.97 6.86 20.38
CA ALA A 235 8.30 8.13 20.64
C ALA A 235 9.32 9.17 21.07
N GLY A 236 10.34 8.74 21.80
CA GLY A 236 11.36 9.67 22.22
C GLY A 236 12.16 10.19 21.03
N LYS A 237 12.53 9.28 20.15
CA LYS A 237 13.29 9.68 18.98
C LYS A 237 12.49 10.66 18.11
N ALA A 238 11.18 10.40 17.94
CA ALA A 238 10.34 11.25 17.09
C ALA A 238 10.15 12.63 17.71
N TYR A 239 10.21 12.70 19.03
CA TYR A 239 10.16 13.97 19.72
C TYR A 239 11.49 14.74 19.57
N ALA A 240 12.61 14.02 19.57
CA ALA A 240 13.90 14.68 19.36
C ALA A 240 13.99 15.22 17.91
N ASP A 241 13.38 14.50 16.95
CA ASP A 241 13.25 15.02 15.58
C ASP A 241 12.42 16.30 15.53
N THR A 242 11.27 16.27 16.20
CA THR A 242 10.40 17.44 16.28
C THR A 242 11.17 18.66 16.80
N VAL A 243 11.94 18.48 17.87
CA VAL A 243 12.71 19.57 18.45
C VAL A 243 13.70 20.13 17.41
N GLU A 244 14.39 19.26 16.67
CA GLU A 244 15.27 19.69 15.61
C GLU A 244 14.52 20.55 14.61
N ARG A 245 13.33 20.13 14.22
CA ARG A 245 12.56 20.89 13.23
C ARG A 245 12.11 22.23 13.76
N LEU A 246 11.89 22.33 15.08
CA LEU A 246 11.49 23.60 15.69
C LEU A 246 12.66 24.55 15.70
N LEU A 247 13.87 24.00 15.71
CA LEU A 247 15.08 24.81 15.78
C LEU A 247 15.58 25.13 14.37
N GLY A 248 14.85 24.63 13.36
CA GLY A 248 15.12 25.01 11.99
C GLY A 248 15.85 23.98 11.14
N GLU A 249 16.17 22.82 11.70
CA GLU A 249 16.85 21.75 10.96
C GLU A 249 15.85 20.80 10.32
N GLU A 250 15.97 20.55 9.01
CA GLU A 250 15.20 19.49 8.41
C GLU A 250 15.58 18.10 8.94
N ARG A 251 14.60 17.23 9.09
CA ARG A 251 14.86 15.84 9.46
C ARG A 251 13.81 14.96 8.77
N PRO A 252 14.24 13.83 8.19
CA PRO A 252 13.24 13.01 7.49
C PRO A 252 12.24 12.46 8.51
N PHE A 253 11.00 12.22 8.08
CA PHE A 253 9.97 11.71 9.00
C PHE A 253 10.08 10.20 9.14
N ARG A 254 10.46 9.77 10.34
CA ARG A 254 10.56 8.36 10.68
C ARG A 254 9.27 7.82 11.29
N PHE A 255 9.13 6.50 11.27
CA PHE A 255 7.97 5.85 11.85
C PHE A 255 6.64 6.21 11.16
N ILE A 256 6.66 6.48 9.86
CA ILE A 256 5.42 6.69 9.09
C ILE A 256 5.13 5.52 8.16
N GLU A 257 6.14 4.72 7.86
CA GLU A 257 5.93 3.49 7.10
C GLU A 257 6.27 2.33 8.02
N GLU A 258 5.74 1.15 7.72
CA GLU A 258 5.98 0.01 8.61
C GLU A 258 7.12 -0.87 8.16
N ALA B 2 -36.56 8.56 36.98
CA ALA B 2 -35.48 8.64 36.00
C ALA B 2 -34.13 8.69 36.72
N ARG B 3 -33.23 7.81 36.34
CA ARG B 3 -31.86 7.87 36.80
C ARG B 3 -31.03 8.82 35.92
N ILE B 4 -30.57 9.93 36.48
CA ILE B 4 -29.62 10.81 35.80
C ILE B 4 -28.20 10.34 36.08
N ILE B 5 -27.50 9.85 35.07
CA ILE B 5 -26.17 9.29 35.25
C ILE B 5 -25.11 10.13 34.56
N VAL B 6 -24.23 10.78 35.31
CA VAL B 6 -23.15 11.53 34.70
C VAL B 6 -21.98 10.61 34.46
N VAL B 7 -21.41 10.67 33.25
CA VAL B 7 -20.15 10.01 32.91
C VAL B 7 -19.03 11.07 32.99
N THR B 8 -18.15 10.94 33.97
CA THR B 8 -17.23 12.03 34.30
C THR B 8 -15.81 11.51 34.40
N SER B 9 -14.83 12.36 34.67
CA SER B 9 -13.45 11.87 34.73
C SER B 9 -12.37 12.85 35.18
N GLY B 10 -12.56 14.14 34.90
CA GLY B 10 -11.51 15.12 35.11
C GLY B 10 -10.50 15.08 33.96
N LYS B 11 -9.79 13.97 33.86
CA LYS B 11 -8.80 13.79 32.81
C LYS B 11 -9.45 13.75 31.44
N GLY B 12 -8.84 14.44 30.48
CA GLY B 12 -9.29 14.38 29.09
C GLY B 12 -8.88 13.08 28.39
N GLY B 13 -9.73 12.62 27.47
CA GLY B 13 -9.42 11.48 26.61
C GLY B 13 -9.28 10.12 27.27
N VAL B 14 -10.13 9.79 28.23
CA VAL B 14 -10.05 8.51 28.93
C VAL B 14 -11.12 7.52 28.44
N GLY B 15 -12.13 8.05 27.75
CA GLY B 15 -13.20 7.23 27.22
C GLY B 15 -14.60 7.63 27.61
N LYS B 16 -14.80 8.86 28.07
CA LYS B 16 -16.11 9.35 28.49
C LYS B 16 -17.14 9.25 27.34
N THR B 17 -16.77 9.78 26.17
CA THR B 17 -17.64 9.78 25.01
C THR B 17 -17.95 8.35 24.52
N THR B 18 -16.91 7.53 24.40
CA THR B 18 -17.06 6.12 24.05
C THR B 18 -17.98 5.45 25.03
N SER B 19 -17.82 5.74 26.31
CA SER B 19 -18.59 5.06 27.35
C SER B 19 -20.02 5.59 27.43
N SER B 20 -20.19 6.89 27.25
CA SER B 20 -21.50 7.51 27.30
C SER B 20 -22.33 6.96 26.14
N ALA B 21 -21.72 6.82 24.96
CA ALA B 21 -22.41 6.33 23.76
C ALA B 21 -22.70 4.83 23.87
N ALA B 22 -21.68 4.02 24.15
CA ALA B 22 -21.89 2.58 24.31
C ALA B 22 -22.96 2.30 25.38
N ILE B 23 -22.84 2.91 26.55
CA ILE B 23 -23.79 2.67 27.62
C ILE B 23 -25.21 3.19 27.35
N ALA B 24 -25.36 4.39 26.80
CA ALA B 24 -26.69 4.87 26.43
C ALA B 24 -27.39 3.91 25.45
N THR B 25 -26.63 3.44 24.46
CA THR B 25 -27.12 2.50 23.44
C THR B 25 -27.54 1.17 24.07
N GLY B 26 -26.62 0.57 24.82
CA GLY B 26 -26.90 -0.65 25.57
C GLY B 26 -28.18 -0.56 26.41
N LEU B 27 -28.40 0.56 27.11
CA LEU B 27 -29.60 0.74 27.90
C LEU B 27 -30.83 0.79 26.98
N ALA B 28 -30.71 1.48 25.85
CA ALA B 28 -31.80 1.61 24.90
C ALA B 28 -32.15 0.25 24.33
N GLN B 29 -31.12 -0.54 24.01
CA GLN B 29 -31.30 -1.88 23.49
C GLN B 29 -32.15 -2.68 24.45
N LYS B 30 -31.91 -2.51 25.75
CA LYS B 30 -32.61 -3.27 26.78
C LYS B 30 -34.03 -2.72 27.00
N GLY B 31 -34.49 -1.89 26.07
CA GLY B 31 -35.85 -1.38 26.11
C GLY B 31 -36.07 -0.19 27.02
N LYS B 32 -35.02 0.28 27.69
CA LYS B 32 -35.14 1.49 28.53
C LYS B 32 -34.99 2.77 27.70
N LYS B 33 -36.01 3.61 27.71
CA LYS B 33 -35.97 4.87 26.96
C LYS B 33 -34.88 5.82 27.51
N THR B 34 -33.86 6.10 26.72
CA THR B 34 -32.65 6.78 27.17
C THR B 34 -32.29 7.98 26.31
N VAL B 35 -31.84 9.05 26.93
CA VAL B 35 -31.26 10.16 26.19
C VAL B 35 -29.83 10.41 26.67
N VAL B 36 -28.90 10.62 25.76
CA VAL B 36 -27.53 10.95 26.14
C VAL B 36 -27.24 12.39 25.71
N ILE B 37 -26.80 13.21 26.65
CA ILE B 37 -26.64 14.64 26.41
C ILE B 37 -25.18 15.06 26.46
N ASP B 38 -24.75 15.78 25.43
CA ASP B 38 -23.38 16.28 25.36
C ASP B 38 -23.28 17.60 26.09
N PHE B 39 -22.55 17.60 27.21
CA PHE B 39 -22.43 18.80 28.04
C PHE B 39 -21.24 19.67 27.66
N ALA B 40 -20.54 19.30 26.60
CA ALA B 40 -19.35 20.07 26.18
C ALA B 40 -19.70 21.53 25.76
N ILE B 41 -18.74 22.43 25.97
CA ILE B 41 -18.92 23.84 25.62
C ILE B 41 -18.11 24.14 24.39
N GLY B 42 -18.75 24.09 23.22
CA GLY B 42 -18.10 24.56 22.03
C GLY B 42 -17.43 23.48 21.20
N LEU B 43 -17.50 22.24 21.68
CA LEU B 43 -16.95 21.15 20.91
C LEU B 43 -17.99 20.08 20.84
N ARG B 44 -18.27 19.63 19.63
CA ARG B 44 -19.30 18.65 19.39
C ARG B 44 -18.64 17.30 19.11
N ASN B 45 -18.58 16.41 20.10
CA ASN B 45 -17.96 15.09 19.90
C ASN B 45 -18.92 13.91 20.03
N LEU B 46 -19.99 14.07 20.81
CA LEU B 46 -20.98 13.00 20.99
C LEU B 46 -21.72 12.67 19.68
N ASP B 47 -22.20 13.71 18.97
CA ASP B 47 -22.81 13.51 17.65
C ASP B 47 -21.90 12.78 16.66
N LEU B 48 -20.61 13.01 16.72
CA LEU B 48 -19.65 12.32 15.85
C LEU B 48 -19.54 10.82 16.16
N ILE B 49 -19.56 10.48 17.45
CA ILE B 49 -19.42 9.09 17.88
C ILE B 49 -20.74 8.28 17.69
N MET B 50 -21.89 8.97 17.81
CA MET B 50 -23.20 8.37 17.64
C MET B 50 -23.60 8.32 16.16
N GLY B 51 -22.77 8.93 15.30
CA GLY B 51 -22.99 8.94 13.88
C GLY B 51 -24.12 9.83 13.39
N CYS B 52 -24.43 10.90 14.10
CA CYS B 52 -25.54 11.75 13.67
C CYS B 52 -25.09 13.20 13.50
N GLU B 53 -23.83 13.39 13.14
CA GLU B 53 -23.26 14.72 13.08
C GLU B 53 -23.97 15.60 12.07
N ARG B 54 -24.64 14.98 11.11
CA ARG B 54 -25.25 15.77 10.05
C ARG B 54 -26.73 16.00 10.23
N ARG B 55 -27.34 15.43 11.26
CA ARG B 55 -28.74 15.66 11.54
C ARG B 55 -28.91 16.70 12.63
N VAL B 56 -27.79 17.24 13.10
CA VAL B 56 -27.82 18.18 14.22
C VAL B 56 -28.31 19.54 13.71
N VAL B 57 -29.54 19.90 14.07
CA VAL B 57 -30.03 21.24 13.73
C VAL B 57 -29.96 22.20 14.92
N TYR B 58 -30.59 21.82 16.02
CA TYR B 58 -30.55 22.61 17.26
C TYR B 58 -29.87 21.81 18.35
N ASP B 59 -29.25 22.53 19.29
CA ASP B 59 -28.50 21.88 20.37
C ASP B 59 -28.96 22.27 21.79
N PHE B 60 -28.19 21.80 22.77
CA PHE B 60 -28.55 21.90 24.18
C PHE B 60 -28.72 23.36 24.56
N VAL B 61 -27.79 24.23 24.15
CA VAL B 61 -27.90 25.65 24.47
C VAL B 61 -29.02 26.36 23.70
N ASN B 62 -29.30 25.94 22.47
CA ASN B 62 -30.46 26.47 21.77
C ASN B 62 -31.75 26.26 22.58
N VAL B 63 -31.89 25.08 23.19
CA VAL B 63 -33.08 24.76 23.97
C VAL B 63 -33.14 25.58 25.24
N ILE B 64 -31.99 25.84 25.84
CA ILE B 64 -31.92 26.62 27.09
C ILE B 64 -32.26 28.09 26.84
N GLN B 65 -31.83 28.64 25.71
CA GLN B 65 -32.15 30.03 25.37
C GLN B 65 -33.47 30.20 24.58
N GLY B 66 -34.31 29.17 24.58
CA GLY B 66 -35.61 29.21 23.92
C GLY B 66 -35.61 29.45 22.41
N ASP B 67 -34.51 29.14 21.72
CA ASP B 67 -34.52 29.18 20.26
C ASP B 67 -35.04 27.89 19.68
N ALA B 68 -35.26 26.88 20.53
CA ALA B 68 -35.74 25.60 20.03
C ALA B 68 -36.37 24.79 21.14
N THR B 69 -37.31 23.91 20.79
CA THR B 69 -37.90 23.02 21.77
C THR B 69 -37.05 21.77 21.91
N LEU B 70 -37.26 21.07 23.03
CA LEU B 70 -36.57 19.82 23.25
C LEU B 70 -36.83 18.87 22.08
N ASN B 71 -38.06 18.90 21.56
CA ASN B 71 -38.41 18.08 20.41
C ASN B 71 -37.65 18.46 19.14
N GLN B 72 -37.36 19.74 18.98
CA GLN B 72 -36.61 20.18 17.82
C GLN B 72 -35.13 19.78 17.94
N ALA B 73 -34.59 19.78 19.15
CA ALA B 73 -33.16 19.52 19.31
C ALA B 73 -32.82 18.04 19.49
N LEU B 74 -33.71 17.25 20.06
CA LEU B 74 -33.45 15.81 20.25
C LEU B 74 -33.33 15.15 18.90
N ILE B 75 -32.34 14.28 18.74
CA ILE B 75 -32.19 13.51 17.52
C ILE B 75 -32.51 12.08 17.90
N LYS B 76 -33.50 11.48 17.28
CA LYS B 76 -33.82 10.08 17.54
C LYS B 76 -32.86 9.21 16.78
N ASP B 77 -32.16 8.31 17.46
CA ASP B 77 -31.22 7.41 16.77
C ASP B 77 -31.99 6.60 15.74
N LYS B 78 -31.38 6.35 14.60
CA LYS B 78 -32.02 5.60 13.53
C LYS B 78 -31.78 4.09 13.66
N ARG B 79 -30.68 3.71 14.30
CA ARG B 79 -30.22 2.33 14.29
C ARG B 79 -30.80 1.56 15.47
N THR B 80 -31.01 2.24 16.58
CA THR B 80 -31.43 1.58 17.81
C THR B 80 -32.69 2.24 18.29
N GLU B 81 -33.71 1.43 18.53
CA GLU B 81 -34.95 1.96 19.05
C GLU B 81 -34.72 2.42 20.52
N ASN B 82 -35.50 3.40 20.97
CA ASN B 82 -35.50 3.84 22.36
C ASN B 82 -34.40 4.86 22.72
N LEU B 83 -33.62 5.29 21.74
CA LEU B 83 -32.39 6.06 22.01
C LEU B 83 -32.48 7.47 21.42
N TYR B 84 -32.05 8.48 22.19
CA TYR B 84 -32.09 9.87 21.73
C TYR B 84 -30.80 10.60 22.11
N ILE B 85 -30.44 11.62 21.33
CA ILE B 85 -29.20 12.36 21.55
C ILE B 85 -29.50 13.84 21.62
N LEU B 86 -29.05 14.52 22.66
CA LEU B 86 -29.14 15.97 22.69
C LEU B 86 -27.73 16.54 22.50
N PRO B 87 -27.46 17.18 21.36
CA PRO B 87 -26.04 17.50 21.12
C PRO B 87 -25.58 18.84 21.68
N ALA B 88 -24.27 19.00 21.72
CA ALA B 88 -23.66 20.10 22.44
C ALA B 88 -23.67 21.39 21.63
N SER B 89 -23.73 22.51 22.35
CA SER B 89 -23.64 23.83 21.75
C SER B 89 -22.29 24.00 21.07
N GLN B 90 -22.18 24.98 20.18
CA GLN B 90 -20.91 25.30 19.53
C GLN B 90 -20.52 26.79 19.64
N THR B 91 -20.89 27.42 20.75
CA THR B 91 -20.43 28.76 21.06
C THR B 91 -19.31 28.68 22.11
N ARG B 92 -18.41 29.64 22.13
CA ARG B 92 -17.36 29.65 23.15
C ARG B 92 -17.90 30.20 24.47
N ALA B 96 -23.23 30.13 28.96
CA ALA B 96 -24.39 29.62 28.21
C ALA B 96 -25.18 28.60 29.01
N LEU B 97 -24.50 27.59 29.52
CA LEU B 97 -25.16 26.53 30.29
C LEU B 97 -25.47 27.03 31.70
N THR B 98 -26.73 27.38 31.98
CA THR B 98 -27.11 27.85 33.32
C THR B 98 -27.70 26.70 34.15
N ARG B 99 -27.53 26.80 35.46
CA ARG B 99 -28.08 25.83 36.40
C ARG B 99 -29.62 25.73 36.30
N GLU B 100 -30.27 26.88 36.19
CA GLU B 100 -31.72 26.92 36.05
C GLU B 100 -32.11 26.31 34.70
N GLY B 101 -31.32 26.65 33.68
CA GLY B 101 -31.58 26.16 32.33
C GLY B 101 -31.50 24.64 32.25
N VAL B 102 -30.39 24.10 32.74
CA VAL B 102 -30.16 22.66 32.72
C VAL B 102 -31.20 21.92 33.55
N ALA B 103 -31.62 22.51 34.66
CA ALA B 103 -32.66 21.90 35.48
C ALA B 103 -33.99 21.79 34.75
N LYS B 104 -34.33 22.85 34.02
CA LYS B 104 -35.57 22.91 33.23
C LYS B 104 -35.56 21.85 32.13
N VAL B 105 -34.47 21.76 31.38
CA VAL B 105 -34.33 20.69 30.40
C VAL B 105 -34.51 19.28 31.04
N LEU B 106 -33.83 19.01 32.17
CA LEU B 106 -33.90 17.69 32.81
C LEU B 106 -35.33 17.36 33.25
N ASP B 107 -36.04 18.34 33.79
CA ASP B 107 -37.44 18.09 34.16
C ASP B 107 -38.30 17.79 32.93
N ASP B 108 -38.13 18.55 31.85
CA ASP B 108 -38.84 18.24 30.61
C ASP B 108 -38.57 16.81 30.17
N LEU B 109 -37.32 16.33 30.31
CA LEU B 109 -36.99 14.99 29.83
C LEU B 109 -37.65 13.92 30.74
N LYS B 110 -37.70 14.18 32.04
CA LYS B 110 -38.39 13.25 32.94
C LYS B 110 -39.87 13.20 32.51
N ALA B 111 -40.42 14.37 32.14
CA ALA B 111 -41.83 14.46 31.78
C ALA B 111 -42.12 13.75 30.45
N MET B 112 -41.08 13.59 29.63
CA MET B 112 -41.21 12.88 28.37
C MET B 112 -41.00 11.38 28.60
N ASP B 113 -40.92 10.99 29.86
CA ASP B 113 -40.80 9.59 30.24
C ASP B 113 -39.47 8.92 29.91
N PHE B 114 -38.37 9.68 29.89
CA PHE B 114 -37.06 9.05 29.80
C PHE B 114 -36.73 8.36 31.13
N GLU B 115 -36.31 7.10 31.07
CA GLU B 115 -35.87 6.34 32.24
C GLU B 115 -34.42 6.64 32.64
N PHE B 116 -33.58 6.85 31.63
CA PHE B 116 -32.18 7.10 31.83
C PHE B 116 -31.76 8.35 31.08
N ILE B 117 -31.21 9.30 31.81
CA ILE B 117 -30.64 10.47 31.20
C ILE B 117 -29.13 10.37 31.40
N VAL B 118 -28.40 9.96 30.36
CA VAL B 118 -26.94 9.84 30.47
C VAL B 118 -26.24 11.17 30.10
N CYS B 119 -25.57 11.79 31.08
CA CYS B 119 -24.87 13.06 30.88
C CYS B 119 -23.39 12.87 30.50
N ASP B 120 -23.06 13.08 29.23
CA ASP B 120 -21.70 12.94 28.76
C ASP B 120 -20.90 14.19 29.06
N SER B 121 -20.21 14.17 30.19
CA SER B 121 -19.46 15.33 30.67
C SER B 121 -18.20 15.61 29.85
N PRO B 122 -17.82 16.89 29.76
CA PRO B 122 -16.48 17.25 29.26
C PRO B 122 -15.37 17.02 30.31
N ALA B 123 -14.11 17.19 29.90
CA ALA B 123 -12.96 17.19 30.81
C ALA B 123 -12.98 18.39 31.74
N GLY B 124 -12.12 18.35 32.75
CA GLY B 124 -11.96 19.45 33.68
C GLY B 124 -12.89 19.40 34.88
N ILE B 125 -12.86 20.48 35.65
CA ILE B 125 -13.71 20.60 36.83
C ILE B 125 -14.34 21.98 36.85
N GLU B 126 -14.26 22.70 35.72
CA GLU B 126 -14.77 24.06 35.60
C GLU B 126 -16.29 24.06 35.34
N THR B 127 -16.73 24.62 34.22
CA THR B 127 -18.15 24.89 34.02
C THR B 127 -18.94 23.72 33.45
N GLY B 128 -18.57 23.22 32.29
CA GLY B 128 -19.36 22.19 31.65
C GLY B 128 -19.41 20.92 32.46
N ALA B 129 -18.32 20.59 33.15
CA ALA B 129 -18.19 19.35 33.93
C ALA B 129 -18.97 19.44 35.23
N LEU B 130 -18.91 20.62 35.84
CA LEU B 130 -19.67 20.86 37.04
C LEU B 130 -21.18 20.74 36.77
N MET B 131 -21.61 21.31 35.63
CA MET B 131 -23.00 21.29 35.23
C MET B 131 -23.52 19.87 34.94
N ALA B 132 -22.65 18.98 34.48
CA ALA B 132 -23.08 17.64 34.10
C ALA B 132 -23.27 16.74 35.33
N LEU B 133 -22.53 17.02 36.40
CA LEU B 133 -22.64 16.20 37.60
C LEU B 133 -23.62 16.79 38.63
N TYR B 134 -23.78 18.10 38.62
CA TYR B 134 -24.62 18.78 39.58
C TYR B 134 -25.95 18.06 39.88
N PHE B 135 -26.69 17.63 38.88
CA PHE B 135 -28.00 17.05 39.13
C PHE B 135 -27.97 15.55 39.09
N ALA B 136 -26.78 14.96 39.05
CA ALA B 136 -26.67 13.50 38.92
C ALA B 136 -27.20 12.75 40.11
N ASP B 137 -27.69 11.53 39.86
CA ASP B 137 -28.03 10.57 40.91
C ASP B 137 -26.93 9.55 40.97
N GLU B 138 -26.22 9.36 39.86
CA GLU B 138 -25.07 8.48 39.84
C GLU B 138 -23.94 9.04 39.01
N ALA B 139 -22.73 8.59 39.27
CA ALA B 139 -21.59 9.05 38.51
C ALA B 139 -20.81 7.82 38.13
N ILE B 140 -20.41 7.78 36.87
CA ILE B 140 -19.52 6.77 36.37
C ILE B 140 -18.19 7.46 36.18
N ILE B 141 -17.27 7.24 37.12
CA ILE B 141 -15.93 7.82 37.09
C ILE B 141 -15.05 7.02 36.15
N THR B 142 -14.74 7.61 35.01
CA THR B 142 -14.06 6.91 33.94
C THR B 142 -12.56 7.14 34.03
N THR B 143 -11.79 6.06 34.10
CA THR B 143 -10.39 6.13 34.53
C THR B 143 -9.52 5.20 33.69
N ASN B 144 -8.32 5.64 33.31
CA ASN B 144 -7.32 4.72 32.76
C ASN B 144 -6.29 4.32 33.82
N PRO B 145 -5.64 3.17 33.63
CA PRO B 145 -4.59 2.78 34.56
C PRO B 145 -3.37 3.65 34.29
N GLU B 146 -3.50 4.93 34.58
CA GLU B 146 -2.41 5.87 34.29
C GLU B 146 -2.42 6.95 35.37
N VAL B 147 -1.28 7.58 35.58
CA VAL B 147 -1.07 8.41 36.78
C VAL B 147 -1.88 9.71 36.79
N SER B 148 -1.93 10.39 35.65
CA SER B 148 -2.73 11.61 35.47
C SER B 148 -4.23 11.37 35.67
N SER B 149 -4.71 10.27 35.10
CA SER B 149 -6.11 9.92 35.13
C SER B 149 -6.57 9.51 36.53
N VAL B 150 -5.78 8.70 37.23
CA VAL B 150 -6.11 8.38 38.62
C VAL B 150 -6.09 9.64 39.51
N ARG B 151 -5.10 10.51 39.33
CA ARG B 151 -5.07 11.73 40.12
C ARG B 151 -6.27 12.63 39.86
N ASP B 152 -6.68 12.76 38.58
CA ASP B 152 -7.78 13.64 38.23
C ASP B 152 -9.15 13.06 38.59
N SER B 153 -9.27 11.73 38.61
CA SER B 153 -10.49 11.08 39.07
C SER B 153 -10.65 11.33 40.56
N ASP B 154 -9.55 11.33 41.31
CA ASP B 154 -9.68 11.57 42.73
C ASP B 154 -10.20 12.99 42.96
N ARG B 155 -9.74 13.95 42.18
CA ARG B 155 -10.20 15.31 42.37
C ARG B 155 -11.70 15.38 42.08
N ILE B 156 -12.12 14.75 41.00
CA ILE B 156 -13.53 14.66 40.64
C ILE B 156 -14.42 14.00 41.72
N LEU B 157 -13.90 13.06 42.49
CA LEU B 157 -14.64 12.47 43.60
C LEU B 157 -14.87 13.50 44.71
N GLY B 158 -13.85 14.32 44.99
CA GLY B 158 -13.97 15.46 45.88
C GLY B 158 -15.08 16.42 45.48
N ILE B 159 -15.18 16.74 44.20
CA ILE B 159 -16.23 17.62 43.73
C ILE B 159 -17.58 16.90 43.82
N LEU B 160 -17.67 15.64 43.44
CA LEU B 160 -18.95 14.93 43.51
C LEU B 160 -19.50 14.91 44.92
N ALA B 161 -18.60 14.97 45.91
CA ALA B 161 -19.05 14.86 47.28
C ALA B 161 -19.36 16.22 47.90
N SER B 162 -18.97 17.32 47.26
CA SER B 162 -19.12 18.63 47.88
C SER B 162 -19.87 19.68 47.04
N LYS B 163 -19.93 19.51 45.71
CA LYS B 163 -20.42 20.56 44.83
C LYS B 163 -21.65 20.13 44.05
N SER B 164 -22.04 18.88 44.21
CA SER B 164 -23.28 18.37 43.58
C SER B 164 -24.48 18.87 44.35
N ARG B 165 -25.67 18.82 43.76
CA ARG B 165 -26.87 19.31 44.42
C ARG B 165 -27.22 18.43 45.61
N ARG B 166 -26.95 17.14 45.50
CA ARG B 166 -27.18 16.22 46.60
C ARG B 166 -26.25 16.48 47.80
N ALA B 167 -24.98 16.78 47.54
CA ALA B 167 -24.07 17.09 48.62
C ALA B 167 -24.45 18.41 49.26
N GLU B 168 -24.80 19.41 48.45
CA GLU B 168 -25.04 20.75 48.95
C GLU B 168 -26.36 20.83 49.69
N ASN B 169 -27.10 19.71 49.74
CA ASN B 169 -28.39 19.66 50.44
C ASN B 169 -28.57 18.47 51.39
N GLY B 170 -27.47 17.80 51.71
CA GLY B 170 -27.52 16.71 52.65
C GLY B 170 -28.52 15.65 52.23
N GLU B 171 -28.75 15.52 50.93
CA GLU B 171 -29.51 14.38 50.45
C GLU B 171 -28.62 13.16 50.36
N GLU B 172 -29.24 12.04 50.06
CA GLU B 172 -28.52 10.83 49.77
C GLU B 172 -27.42 11.16 48.74
N PRO B 173 -26.17 10.80 49.02
CA PRO B 173 -25.08 11.20 48.10
C PRO B 173 -25.12 10.53 46.73
N ILE B 174 -24.52 11.17 45.73
CA ILE B 174 -24.40 10.57 44.39
C ILE B 174 -23.80 9.16 44.49
N LYS B 175 -24.45 8.16 43.88
CA LYS B 175 -23.92 6.79 43.89
C LYS B 175 -22.73 6.73 42.89
N GLU B 176 -21.54 6.35 43.35
CA GLU B 176 -20.36 6.40 42.49
C GLU B 176 -19.86 5.04 42.03
N HIS B 177 -19.41 4.95 40.79
CA HIS B 177 -18.95 3.68 40.21
C HIS B 177 -17.72 3.95 39.40
N LEU B 178 -16.78 3.02 39.43
CA LEU B 178 -15.54 3.14 38.70
C LEU B 178 -15.64 2.36 37.40
N LEU B 179 -15.42 3.02 36.29
CA LEU B 179 -15.36 2.39 34.99
C LEU B 179 -13.90 2.41 34.55
N LEU B 180 -13.17 1.33 34.78
CA LEU B 180 -11.75 1.29 34.45
C LEU B 180 -11.64 1.01 32.98
N THR B 181 -10.95 1.86 32.25
CA THR B 181 -11.05 1.79 30.81
C THR B 181 -9.68 1.79 30.13
N ARG B 182 -9.60 1.15 28.96
CA ARG B 182 -8.32 0.91 28.28
C ARG B 182 -7.37 0.04 29.08
N TYR B 183 -7.93 -0.98 29.74
CA TYR B 183 -7.16 -1.91 30.53
C TYR B 183 -6.37 -2.89 29.67
N ASN B 184 -5.22 -3.34 30.14
CA ASN B 184 -4.40 -4.28 29.37
C ASN B 184 -3.72 -5.31 30.33
N PRO B 185 -4.38 -6.46 30.57
CA PRO B 185 -3.91 -7.40 31.60
C PRO B 185 -2.48 -7.83 31.37
N GLY B 186 -2.06 -7.98 30.12
CA GLY B 186 -0.68 -8.33 29.81
C GLY B 186 0.31 -7.25 30.25
N ARG B 187 -0.03 -6.01 30.02
CA ARG B 187 0.80 -4.91 30.48
C ARG B 187 0.89 -4.90 32.01
N VAL B 188 -0.21 -5.24 32.68
CA VAL B 188 -0.22 -5.23 34.13
C VAL B 188 0.74 -6.30 34.68
N SER B 189 0.76 -7.49 34.08
CA SER B 189 1.58 -8.57 34.63
C SER B 189 3.07 -8.39 34.31
N ARG B 190 3.42 -7.74 33.20
CA ARG B 190 4.82 -7.36 32.95
C ARG B 190 5.26 -6.18 33.84
N GLY B 191 4.36 -5.71 34.70
CA GLY B 191 4.69 -4.62 35.60
C GLY B 191 4.73 -3.22 34.98
N ASP B 192 4.10 -3.05 33.82
CA ASP B 192 4.11 -1.75 33.16
C ASP B 192 2.87 -0.89 33.39
N MET B 193 1.85 -1.44 34.02
CA MET B 193 0.58 -0.74 34.10
C MET B 193 -0.04 -1.02 35.46
N LEU B 194 -0.55 0.03 36.10
CA LEU B 194 -1.37 -0.12 37.28
C LEU B 194 -2.45 -1.15 37.03
N SER B 195 -2.63 -2.06 38.00
CA SER B 195 -3.65 -3.07 37.88
C SER B 195 -5.01 -2.52 38.33
N MET B 196 -6.05 -3.27 38.00
CA MET B 196 -7.39 -2.96 38.47
C MET B 196 -7.36 -2.76 39.99
N GLU B 197 -6.72 -3.66 40.72
CA GLU B 197 -6.68 -3.56 42.18
C GLU B 197 -5.88 -2.34 42.68
N ASP B 198 -4.75 -2.03 42.07
CA ASP B 198 -4.05 -0.82 42.44
C ASP B 198 -5.02 0.38 42.37
N VAL B 199 -5.84 0.43 41.32
CA VAL B 199 -6.68 1.60 41.10
C VAL B 199 -7.83 1.61 42.12
N LEU B 200 -8.35 0.46 42.49
CA LEU B 200 -9.37 0.42 43.53
C LEU B 200 -8.79 0.81 44.91
N GLU B 201 -7.57 0.39 45.23
CA GLU B 201 -7.01 0.74 46.53
C GLU B 201 -6.86 2.26 46.65
N ILE B 202 -6.71 2.95 45.52
CA ILE B 202 -6.57 4.40 45.57
C ILE B 202 -7.92 5.16 45.50
N LEU B 203 -8.71 4.93 44.46
CA LEU B 203 -10.03 5.54 44.37
C LEU B 203 -11.00 4.55 44.96
N ARG B 204 -11.39 4.67 46.21
CA ARG B 204 -12.00 3.50 46.81
C ARG B 204 -13.50 3.42 46.58
N ILE B 205 -13.89 3.03 45.38
CA ILE B 205 -15.29 2.98 45.02
C ILE B 205 -15.60 1.69 44.29
N LYS B 206 -16.89 1.42 44.11
CA LYS B 206 -17.35 0.14 43.55
C LYS B 206 -17.05 0.02 42.05
N LEU B 207 -16.45 -1.08 41.63
CA LEU B 207 -16.18 -1.33 40.22
C LEU B 207 -17.49 -1.65 39.52
N VAL B 208 -17.76 -0.96 38.41
CA VAL B 208 -18.96 -1.25 37.59
C VAL B 208 -18.62 -1.75 36.18
N GLY B 209 -17.41 -1.53 35.70
CA GLY B 209 -16.97 -2.17 34.49
C GLY B 209 -15.48 -2.06 34.24
N VAL B 210 -14.94 -2.93 33.41
CA VAL B 210 -13.56 -2.81 32.94
C VAL B 210 -13.54 -2.99 31.42
N ILE B 211 -13.18 -1.95 30.68
CA ILE B 211 -13.17 -1.99 29.24
C ILE B 211 -11.75 -2.27 28.72
N PRO B 212 -11.53 -3.39 28.08
CA PRO B 212 -10.16 -3.61 27.61
C PRO B 212 -9.76 -2.65 26.47
N GLU B 213 -8.47 -2.37 26.36
CA GLU B 213 -7.91 -1.77 25.15
C GLU B 213 -8.36 -2.61 24.00
N ASP B 214 -8.96 -1.99 22.99
CA ASP B 214 -9.51 -2.76 21.87
C ASP B 214 -9.37 -1.97 20.59
N GLN B 215 -8.81 -2.59 19.54
CA GLN B 215 -8.72 -1.92 18.25
C GLN B 215 -10.09 -1.70 17.60
N SER B 216 -11.15 -2.26 18.19
CA SER B 216 -12.49 -2.05 17.68
C SER B 216 -13.02 -0.62 17.94
N VAL B 217 -12.50 0.04 18.95
CA VAL B 217 -13.00 1.35 19.34
C VAL B 217 -12.64 2.43 18.30
N LEU B 218 -11.42 2.39 17.76
CA LEU B 218 -11.08 3.31 16.69
C LEU B 218 -11.98 3.09 15.46
N ARG B 219 -12.13 1.83 15.06
CA ARG B 219 -13.01 1.48 13.94
C ARG B 219 -14.47 1.89 14.16
N ALA B 220 -14.95 1.87 15.42
CA ALA B 220 -16.31 2.28 15.72
C ALA B 220 -16.51 3.78 15.56
N SER B 221 -15.62 4.60 16.09
CA SER B 221 -15.79 6.05 15.91
C SER B 221 -15.59 6.47 14.43
N ASN B 222 -14.73 5.76 13.71
CA ASN B 222 -14.51 6.04 12.29
C ASN B 222 -15.84 5.99 11.54
N GLN B 223 -16.67 5.00 11.88
CA GLN B 223 -17.99 4.81 11.28
C GLN B 223 -19.11 5.54 11.97
N GLY B 224 -18.89 6.09 13.15
CA GLY B 224 -19.98 6.74 13.87
C GLY B 224 -20.98 5.72 14.40
N GLU B 225 -20.45 4.61 14.87
CA GLU B 225 -21.24 3.50 15.38
C GLU B 225 -20.70 3.02 16.75
N PRO B 226 -21.43 3.30 17.83
CA PRO B 226 -20.98 3.02 19.20
C PRO B 226 -20.51 1.57 19.36
N VAL B 227 -19.46 1.33 20.16
CA VAL B 227 -18.72 0.07 20.06
C VAL B 227 -19.50 -1.14 20.60
N ILE B 228 -20.57 -0.89 21.35
CA ILE B 228 -21.38 -1.99 21.83
C ILE B 228 -22.14 -2.70 20.71
N LEU B 229 -22.37 -2.00 19.59
CA LEU B 229 -23.05 -2.56 18.42
C LEU B 229 -22.17 -3.56 17.67
N ASP B 230 -20.87 -3.57 17.95
CA ASP B 230 -19.95 -4.50 17.29
C ASP B 230 -19.85 -5.76 18.14
N ILE B 231 -20.59 -6.78 17.75
CA ILE B 231 -20.80 -7.92 18.63
C ILE B 231 -19.54 -8.78 18.75
N ASN B 232 -18.52 -8.54 17.94
CA ASN B 232 -17.25 -9.23 18.13
C ASN B 232 -16.20 -8.47 18.92
N ALA B 233 -16.49 -7.23 19.32
CA ALA B 233 -15.49 -6.41 19.97
C ALA B 233 -15.45 -6.69 21.50
N ASP B 234 -14.26 -6.91 22.06
CA ASP B 234 -14.20 -7.19 23.48
C ASP B 234 -14.67 -5.97 24.29
N ALA B 235 -14.32 -4.78 23.81
CA ALA B 235 -14.79 -3.55 24.43
C ALA B 235 -16.31 -3.50 24.40
N GLY B 236 -16.92 -3.95 23.31
CA GLY B 236 -18.37 -3.97 23.20
C GLY B 236 -19.00 -4.89 24.25
N LYS B 237 -18.48 -6.10 24.33
CA LYS B 237 -19.00 -7.05 25.32
C LYS B 237 -18.84 -6.51 26.74
N ALA B 238 -17.70 -5.87 27.05
CA ALA B 238 -17.49 -5.35 28.42
C ALA B 238 -18.46 -4.22 28.75
N TYR B 239 -18.83 -3.43 27.74
CA TYR B 239 -19.83 -2.38 27.89
C TYR B 239 -21.24 -2.96 28.03
N ALA B 240 -21.53 -4.07 27.36
CA ALA B 240 -22.81 -4.71 27.56
C ALA B 240 -22.89 -5.29 29.00
N ASP B 241 -21.81 -5.89 29.51
CA ASP B 241 -21.73 -6.29 30.94
C ASP B 241 -22.02 -5.11 31.87
N THR B 242 -21.33 -3.99 31.66
CA THR B 242 -21.56 -2.78 32.45
C THR B 242 -23.04 -2.41 32.49
N VAL B 243 -23.69 -2.33 31.33
CA VAL B 243 -25.11 -2.00 31.26
C VAL B 243 -25.94 -2.98 32.11
N GLU B 244 -25.67 -4.28 32.02
CA GLU B 244 -26.31 -5.27 32.90
C GLU B 244 -26.16 -4.87 34.36
N ARG B 245 -24.95 -4.51 34.77
CA ARG B 245 -24.68 -4.22 36.19
C ARG B 245 -25.45 -2.98 36.60
N LEU B 246 -25.64 -2.04 35.67
CA LEU B 246 -26.34 -0.79 35.99
C LEU B 246 -27.80 -1.09 36.18
N LEU B 247 -28.26 -2.20 35.61
CA LEU B 247 -29.66 -2.55 35.67
C LEU B 247 -29.90 -3.53 36.82
N GLY B 248 -28.84 -3.82 37.58
CA GLY B 248 -28.99 -4.62 38.78
C GLY B 248 -28.58 -6.08 38.70
N GLU B 249 -28.12 -6.54 37.54
CA GLU B 249 -27.69 -7.93 37.36
C GLU B 249 -26.21 -8.13 37.59
N GLU B 250 -25.84 -9.07 38.43
CA GLU B 250 -24.43 -9.40 38.57
C GLU B 250 -23.91 -9.96 37.25
N ARG B 251 -22.63 -9.69 36.93
CA ARG B 251 -21.97 -10.32 35.78
C ARG B 251 -20.49 -10.43 36.11
N PRO B 252 -19.87 -11.59 35.84
CA PRO B 252 -18.46 -11.74 36.21
C PRO B 252 -17.60 -10.81 35.40
N PHE B 253 -16.50 -10.29 35.95
CA PHE B 253 -15.65 -9.39 35.19
C PHE B 253 -14.75 -10.17 34.25
N ARG B 254 -14.97 -9.96 32.95
CA ARG B 254 -14.14 -10.52 31.92
C ARG B 254 -13.03 -9.57 31.52
N PHE B 255 -12.05 -10.10 30.80
CA PHE B 255 -10.94 -9.30 30.27
C PHE B 255 -10.12 -8.60 31.37
N ILE B 256 -10.00 -9.23 32.54
CA ILE B 256 -9.10 -8.73 33.59
C ILE B 256 -7.88 -9.64 33.78
N GLU B 257 -7.95 -10.88 33.32
CA GLU B 257 -6.79 -11.76 33.30
C GLU B 257 -6.48 -12.05 31.85
N GLU B 258 -5.24 -12.45 31.57
CA GLU B 258 -4.85 -12.69 30.16
C GLU B 258 -4.94 -14.15 29.76
N ALA C 2 38.64 -12.03 -30.94
CA ALA C 2 37.23 -11.62 -30.85
C ALA C 2 36.39 -12.71 -30.23
N ARG C 3 35.69 -12.33 -29.17
CA ARG C 3 34.74 -13.22 -28.56
C ARG C 3 33.38 -13.04 -29.22
N ILE C 4 32.91 -14.10 -29.87
CA ILE C 4 31.55 -14.14 -30.43
C ILE C 4 30.58 -14.69 -29.37
N ILE C 5 29.71 -13.84 -28.84
CA ILE C 5 28.81 -14.24 -27.77
C ILE C 5 27.37 -14.28 -28.23
N VAL C 6 26.75 -15.46 -28.27
CA VAL C 6 25.35 -15.57 -28.66
C VAL C 6 24.44 -15.41 -27.44
N VAL C 7 23.45 -14.53 -27.54
CA VAL C 7 22.42 -14.40 -26.52
C VAL C 7 21.19 -15.22 -26.96
N THR C 8 20.91 -16.33 -26.27
CA THR C 8 19.95 -17.29 -26.79
C THR C 8 18.95 -17.65 -25.70
N SER C 9 17.99 -18.55 -25.97
CA SER C 9 16.98 -18.84 -24.97
C SER C 9 15.98 -19.95 -25.33
N GLY C 10 15.65 -20.08 -26.61
CA GLY C 10 14.58 -20.99 -26.99
C GLY C 10 13.22 -20.34 -26.77
N LYS C 11 12.87 -20.09 -25.52
CA LYS C 11 11.61 -19.41 -25.19
C LYS C 11 11.60 -17.98 -25.74
N GLY C 12 10.45 -17.55 -26.26
CA GLY C 12 10.26 -16.18 -26.70
C GLY C 12 10.01 -15.23 -25.53
N GLY C 13 10.46 -14.00 -25.65
CA GLY C 13 10.14 -12.93 -24.71
C GLY C 13 10.66 -13.08 -23.30
N VAL C 14 11.92 -13.49 -23.16
CA VAL C 14 12.52 -13.65 -21.83
C VAL C 14 13.48 -12.50 -21.51
N GLY C 15 13.93 -11.78 -22.54
CA GLY C 15 14.84 -10.69 -22.37
C GLY C 15 16.10 -10.74 -23.21
N LYS C 16 16.12 -11.56 -24.26
CA LYS C 16 17.26 -11.64 -25.16
C LYS C 16 17.64 -10.26 -25.73
N THR C 17 16.66 -9.55 -26.28
CA THR C 17 16.90 -8.25 -26.90
C THR C 17 17.38 -7.21 -25.85
N THR C 18 16.68 -7.15 -24.72
CA THR C 18 17.06 -6.27 -23.62
C THR C 18 18.47 -6.57 -23.18
N SER C 19 18.81 -7.86 -23.13
CA SER C 19 20.12 -8.29 -22.62
C SER C 19 21.20 -8.06 -23.69
N SER C 20 20.89 -8.38 -24.94
CA SER C 20 21.84 -8.15 -26.02
C SER C 20 22.21 -6.69 -26.09
N ALA C 21 21.23 -5.80 -25.90
CA ALA C 21 21.41 -4.36 -26.02
C ALA C 21 22.14 -3.80 -24.82
N ALA C 22 21.65 -4.08 -23.62
CA ALA C 22 22.31 -3.65 -22.39
C ALA C 22 23.77 -4.14 -22.34
N ILE C 23 24.00 -5.42 -22.59
CA ILE C 23 25.34 -5.96 -22.57
C ILE C 23 26.28 -5.42 -23.66
N ALA C 24 25.84 -5.35 -24.90
CA ALA C 24 26.67 -4.74 -25.95
C ALA C 24 27.10 -3.30 -25.56
N THR C 25 26.13 -2.50 -25.10
CA THR C 25 26.38 -1.13 -24.65
C THR C 25 27.39 -1.06 -23.50
N GLY C 26 27.13 -1.84 -22.45
CA GLY C 26 28.03 -1.98 -21.32
C GLY C 26 29.46 -2.32 -21.70
N LEU C 27 29.64 -3.26 -22.65
CA LEU C 27 30.97 -3.62 -23.15
C LEU C 27 31.59 -2.42 -23.90
N ALA C 28 30.78 -1.68 -24.66
CA ALA C 28 31.29 -0.57 -25.46
C ALA C 28 31.74 0.51 -24.51
N GLN C 29 30.94 0.69 -23.47
CA GLN C 29 31.21 1.70 -22.48
C GLN C 29 32.61 1.45 -21.95
N LYS C 30 32.93 0.17 -21.68
CA LYS C 30 34.22 -0.22 -21.09
C LYS C 30 35.36 -0.16 -22.12
N GLY C 31 35.11 0.47 -23.25
CA GLY C 31 36.14 0.71 -24.22
C GLY C 31 36.36 -0.41 -25.20
N LYS C 32 35.61 -1.51 -25.06
CA LYS C 32 35.76 -2.64 -25.98
C LYS C 32 34.91 -2.43 -27.20
N LYS C 33 35.52 -2.42 -28.39
CA LYS C 33 34.78 -2.18 -29.64
C LYS C 33 33.81 -3.34 -29.91
N THR C 34 32.51 -3.06 -29.89
CA THR C 34 31.49 -4.10 -29.91
C THR C 34 30.46 -3.91 -31.01
N VAL C 35 30.06 -4.98 -31.67
CA VAL C 35 28.92 -4.93 -32.58
C VAL C 35 27.84 -5.95 -32.11
N VAL C 36 26.58 -5.54 -32.17
CA VAL C 36 25.49 -6.43 -31.77
C VAL C 36 24.63 -6.65 -33.01
N ILE C 37 24.43 -7.91 -33.37
CA ILE C 37 23.77 -8.28 -34.62
C ILE C 37 22.41 -8.90 -34.37
N ASP C 38 21.38 -8.38 -35.02
CA ASP C 38 20.06 -8.98 -34.91
C ASP C 38 19.94 -10.15 -35.89
N PHE C 39 19.79 -11.37 -35.39
CA PHE C 39 19.71 -12.55 -36.24
C PHE C 39 18.30 -12.93 -36.60
N ALA C 40 17.34 -12.08 -36.26
CA ALA C 40 15.93 -12.39 -36.50
C ALA C 40 15.59 -12.46 -38.02
N ILE C 41 14.59 -13.27 -38.37
CA ILE C 41 14.19 -13.43 -39.75
C ILE C 41 12.87 -12.70 -39.97
N GLY C 42 12.95 -11.46 -40.43
CA GLY C 42 11.74 -10.77 -40.84
C GLY C 42 11.10 -9.93 -39.76
N LEU C 43 11.73 -9.87 -38.59
CA LEU C 43 11.25 -9.01 -37.53
C LEU C 43 12.41 -8.20 -37.01
N ARG C 44 12.24 -6.89 -36.98
CA ARG C 44 13.30 -6.00 -36.63
C ARG C 44 13.02 -5.46 -35.22
N ASN C 45 13.63 -6.06 -34.19
CA ASN C 45 13.41 -5.60 -32.82
C ASN C 45 14.65 -4.95 -32.17
N LEU C 46 15.84 -5.38 -32.57
CA LEU C 46 17.07 -4.82 -32.00
C LEU C 46 17.23 -3.32 -32.29
N ASP C 47 17.01 -2.90 -33.55
CA ASP C 47 17.02 -1.46 -33.89
C ASP C 47 16.03 -0.63 -33.07
N LEU C 48 14.90 -1.21 -32.70
CA LEU C 48 13.89 -0.51 -31.90
C LEU C 48 14.37 -0.27 -30.49
N ILE C 49 15.04 -1.26 -29.91
CA ILE C 49 15.50 -1.18 -28.53
C ILE C 49 16.79 -0.32 -28.41
N MET C 50 17.62 -0.33 -29.45
CA MET C 50 18.83 0.51 -29.50
C MET C 50 18.52 1.96 -29.90
N GLY C 51 17.30 2.18 -30.35
CA GLY C 51 16.84 3.50 -30.73
C GLY C 51 17.30 4.01 -32.10
N CYS C 52 17.61 3.12 -33.02
CA CYS C 52 18.13 3.54 -34.31
C CYS C 52 17.24 3.00 -35.43
N GLU C 53 15.95 2.85 -35.16
CA GLU C 53 15.04 2.24 -36.12
C GLU C 53 14.95 3.03 -37.42
N ARG C 54 15.27 4.32 -37.36
CA ARG C 54 15.12 5.17 -38.53
C ARG C 54 16.42 5.41 -39.29
N ARG C 55 17.54 4.88 -38.80
CA ARG C 55 18.79 5.03 -39.51
C ARG C 55 19.12 3.75 -40.25
N VAL C 56 18.20 2.78 -40.18
CA VAL C 56 18.43 1.49 -40.81
C VAL C 56 18.23 1.63 -42.33
N VAL C 57 19.32 1.56 -43.09
CA VAL C 57 19.21 1.55 -44.55
C VAL C 57 19.42 0.13 -45.11
N TYR C 58 20.57 -0.47 -44.83
CA TYR C 58 20.83 -1.84 -45.23
C TYR C 58 20.94 -2.76 -44.00
N ASP C 59 20.65 -4.05 -44.19
CA ASP C 59 20.64 -4.99 -43.08
C ASP C 59 21.52 -6.23 -43.34
N PHE C 60 21.40 -7.19 -42.41
CA PHE C 60 22.30 -8.33 -42.32
C PHE C 60 22.24 -9.11 -43.61
N VAL C 61 21.02 -9.37 -44.08
CA VAL C 61 20.84 -10.14 -45.32
C VAL C 61 21.25 -9.35 -46.57
N ASN C 62 21.11 -8.03 -46.53
CA ASN C 62 21.62 -7.21 -47.64
C ASN C 62 23.11 -7.43 -47.82
N VAL C 63 23.84 -7.48 -46.71
CA VAL C 63 25.29 -7.67 -46.76
C VAL C 63 25.67 -9.07 -47.24
N ILE C 64 24.90 -10.07 -46.82
CA ILE C 64 25.13 -11.45 -47.26
C ILE C 64 24.88 -11.63 -48.76
N GLN C 65 23.87 -10.97 -49.30
CA GLN C 65 23.55 -11.06 -50.73
C GLN C 65 24.28 -10.01 -51.60
N GLY C 66 25.29 -9.37 -51.05
CA GLY C 66 26.09 -8.42 -51.81
C GLY C 66 25.37 -7.17 -52.30
N ASP C 67 24.23 -6.83 -51.72
CA ASP C 67 23.59 -5.57 -52.05
C ASP C 67 24.16 -4.42 -51.25
N ALA C 68 25.00 -4.71 -50.26
CA ALA C 68 25.56 -3.64 -49.44
C ALA C 68 26.82 -4.13 -48.74
N THR C 69 27.73 -3.21 -48.42
CA THR C 69 28.92 -3.55 -47.65
C THR C 69 28.62 -3.53 -46.15
N LEU C 70 29.48 -4.18 -45.38
CA LEU C 70 29.34 -4.14 -43.93
C LEU C 70 29.35 -2.71 -43.45
N ASN C 71 30.14 -1.87 -44.10
CA ASN C 71 30.19 -0.44 -43.75
C ASN C 71 28.87 0.27 -44.02
N GLN C 72 28.17 -0.14 -45.07
CA GLN C 72 26.91 0.48 -45.42
C GLN C 72 25.81 0.05 -44.46
N ALA C 73 25.87 -1.18 -43.97
CA ALA C 73 24.80 -1.70 -43.11
C ALA C 73 25.02 -1.42 -41.62
N LEU C 74 26.27 -1.31 -41.17
CA LEU C 74 26.54 -1.07 -39.76
C LEU C 74 26.04 0.30 -39.41
N ILE C 75 25.39 0.41 -38.26
CA ILE C 75 24.96 1.69 -37.78
C ILE C 75 25.80 2.01 -36.54
N LYS C 76 26.55 3.11 -36.57
CA LYS C 76 27.33 3.47 -35.39
C LYS C 76 26.40 4.13 -34.40
N ASP C 77 26.38 3.65 -33.16
CA ASP C 77 25.55 4.26 -32.13
C ASP C 77 26.00 5.71 -31.91
N LYS C 78 25.03 6.59 -31.69
CA LYS C 78 25.34 8.01 -31.51
C LYS C 78 25.61 8.36 -30.06
N ARG C 79 25.08 7.56 -29.15
CA ARG C 79 25.08 7.89 -27.72
C ARG C 79 26.32 7.37 -27.01
N THR C 80 26.78 6.20 -27.44
CA THR C 80 27.88 5.51 -26.78
C THR C 80 28.98 5.25 -27.78
N GLU C 81 30.18 5.67 -27.45
CA GLU C 81 31.31 5.44 -28.32
C GLU C 81 31.62 3.92 -28.34
N ASN C 82 32.22 3.43 -29.41
CA ASN C 82 32.68 2.04 -29.48
C ASN C 82 31.60 1.00 -29.80
N LEU C 83 30.37 1.44 -30.05
CA LEU C 83 29.24 0.54 -30.24
C LEU C 83 28.65 0.60 -31.66
N TYR C 84 28.30 -0.55 -32.23
CA TYR C 84 27.74 -0.66 -33.58
C TYR C 84 26.59 -1.66 -33.61
N ILE C 85 25.65 -1.45 -34.52
CA ILE C 85 24.47 -2.32 -34.67
C ILE C 85 24.32 -2.83 -36.10
N LEU C 86 24.17 -4.14 -36.29
CA LEU C 86 23.87 -4.69 -37.62
C LEU C 86 22.44 -5.19 -37.59
N PRO C 87 21.52 -4.52 -38.30
CA PRO C 87 20.12 -4.87 -38.04
C PRO C 87 19.63 -6.04 -38.86
N ALA C 88 18.45 -6.54 -38.50
CA ALA C 88 17.93 -7.76 -39.08
C ALA C 88 17.22 -7.49 -40.40
N SER C 89 17.30 -8.47 -41.29
CA SER C 89 16.54 -8.45 -42.54
C SER C 89 15.04 -8.38 -42.27
N GLN C 90 14.26 -8.02 -43.29
CA GLN C 90 12.80 -7.97 -43.16
C GLN C 90 12.08 -8.72 -44.31
N THR C 91 12.71 -9.79 -44.79
CA THR C 91 12.07 -10.71 -45.73
C THR C 91 11.60 -11.94 -44.96
N ARG C 92 10.55 -12.60 -45.43
CA ARG C 92 10.10 -13.83 -44.81
C ARG C 92 10.98 -15.02 -45.25
N ALA C 96 17.55 -17.19 -46.36
CA ALA C 96 18.32 -15.96 -46.57
C ALA C 96 19.66 -16.01 -45.85
N LEU C 97 19.60 -16.31 -44.55
CA LEU C 97 20.79 -16.41 -43.74
C LEU C 97 21.51 -17.73 -44.04
N THR C 98 22.63 -17.68 -44.77
CA THR C 98 23.39 -18.90 -45.05
C THR C 98 24.59 -19.01 -44.14
N ARG C 99 25.02 -20.24 -43.89
CA ARG C 99 26.16 -20.53 -43.02
C ARG C 99 27.44 -19.94 -43.59
N GLU C 100 27.60 -20.05 -44.90
CA GLU C 100 28.75 -19.47 -45.55
C GLU C 100 28.69 -17.94 -45.48
N GLY C 101 27.48 -17.40 -45.61
CA GLY C 101 27.26 -15.97 -45.62
C GLY C 101 27.57 -15.35 -44.27
N VAL C 102 26.99 -15.94 -43.21
CA VAL C 102 27.21 -15.48 -41.85
C VAL C 102 28.68 -15.59 -41.49
N ALA C 103 29.34 -16.66 -41.95
CA ALA C 103 30.76 -16.84 -41.61
C ALA C 103 31.62 -15.71 -42.19
N LYS C 104 31.28 -15.37 -43.44
CA LYS C 104 31.99 -14.31 -44.16
C LYS C 104 31.82 -12.99 -43.43
N VAL C 105 30.58 -12.62 -43.09
CA VAL C 105 30.35 -11.41 -42.29
C VAL C 105 31.17 -11.39 -40.96
N LEU C 106 31.18 -12.49 -40.21
CA LEU C 106 31.88 -12.55 -38.92
C LEU C 106 33.38 -12.35 -39.16
N ASP C 107 33.94 -13.02 -40.17
CA ASP C 107 35.36 -12.77 -40.45
C ASP C 107 35.65 -11.31 -40.79
N ASP C 108 34.81 -10.67 -41.60
CA ASP C 108 34.99 -9.24 -41.90
C ASP C 108 34.97 -8.44 -40.60
N LEU C 109 34.10 -8.80 -39.67
CA LEU C 109 34.00 -8.02 -38.43
C LEU C 109 35.25 -8.19 -37.58
N LYS C 110 35.79 -9.42 -37.52
CA LYS C 110 37.04 -9.63 -36.80
C LYS C 110 38.13 -8.76 -37.46
N ALA C 111 38.11 -8.67 -38.79
CA ALA C 111 39.12 -7.91 -39.53
C ALA C 111 38.99 -6.41 -39.28
N MET C 112 37.79 -5.98 -38.92
CA MET C 112 37.57 -4.56 -38.60
C MET C 112 37.92 -4.31 -37.14
N ASP C 113 38.48 -5.32 -36.48
CA ASP C 113 38.98 -5.18 -35.12
C ASP C 113 37.92 -5.10 -34.03
N PHE C 114 36.77 -5.74 -34.25
CA PHE C 114 35.77 -5.85 -33.19
C PHE C 114 36.23 -6.86 -32.14
N GLU C 115 36.21 -6.46 -30.89
CA GLU C 115 36.57 -7.35 -29.76
C GLU C 115 35.43 -8.27 -29.35
N PHE C 116 34.21 -7.73 -29.42
CA PHE C 116 33.03 -8.46 -29.02
C PHE C 116 31.99 -8.39 -30.13
N ILE C 117 31.61 -9.57 -30.62
CA ILE C 117 30.50 -9.67 -31.54
C ILE C 117 29.35 -10.32 -30.76
N VAL C 118 28.37 -9.52 -30.37
CA VAL C 118 27.20 -10.03 -29.62
C VAL C 118 26.09 -10.40 -30.60
N CYS C 119 25.72 -11.68 -30.65
CA CYS C 119 24.68 -12.15 -31.57
C CYS C 119 23.33 -12.26 -30.89
N ASP C 120 22.43 -11.33 -31.18
CA ASP C 120 21.10 -11.32 -30.57
C ASP C 120 20.19 -12.32 -31.27
N SER C 121 20.09 -13.51 -30.72
CA SER C 121 19.33 -14.59 -31.37
C SER C 121 17.82 -14.43 -31.26
N PRO C 122 17.09 -14.94 -32.24
CA PRO C 122 15.63 -15.06 -32.12
C PRO C 122 15.20 -16.24 -31.24
N ALA C 123 13.90 -16.35 -30.99
CA ALA C 123 13.34 -17.52 -30.32
C ALA C 123 13.37 -18.76 -31.21
N GLY C 124 13.09 -19.91 -30.60
CA GLY C 124 13.04 -21.17 -31.32
C GLY C 124 14.37 -21.91 -31.38
N ILE C 125 14.38 -22.98 -32.17
CA ILE C 125 15.56 -23.77 -32.38
C ILE C 125 15.71 -24.13 -33.87
N GLU C 126 14.96 -23.41 -34.71
CA GLU C 126 14.97 -23.60 -36.16
C GLU C 126 16.15 -22.85 -36.84
N THR C 127 15.85 -21.94 -37.77
CA THR C 127 16.90 -21.39 -38.61
C THR C 127 17.65 -20.23 -38.00
N GLY C 128 16.94 -19.15 -37.66
CA GLY C 128 17.60 -17.94 -37.21
C GLY C 128 18.44 -18.21 -35.99
N ALA C 129 17.93 -19.07 -35.09
CA ALA C 129 18.50 -19.32 -33.76
C ALA C 129 19.72 -20.22 -33.88
N LEU C 130 19.58 -21.21 -34.73
CA LEU C 130 20.70 -22.09 -35.00
C LEU C 130 21.90 -21.31 -35.58
N MET C 131 21.60 -20.41 -36.50
CA MET C 131 22.61 -19.60 -37.15
C MET C 131 23.32 -18.67 -36.18
N ALA C 132 22.62 -18.21 -35.13
CA ALA C 132 23.21 -17.26 -34.20
C ALA C 132 24.20 -17.97 -33.24
N LEU C 133 23.97 -19.25 -32.98
CA LEU C 133 24.81 -19.95 -32.02
C LEU C 133 25.91 -20.73 -32.71
N TYR C 134 25.65 -21.16 -33.93
CA TYR C 134 26.61 -21.96 -34.67
C TYR C 134 28.10 -21.55 -34.55
N PHE C 135 28.41 -20.27 -34.64
CA PHE C 135 29.81 -19.82 -34.63
C PHE C 135 30.21 -19.26 -33.27
N ALA C 136 29.34 -19.37 -32.28
CA ALA C 136 29.60 -18.76 -30.97
C ALA C 136 30.80 -19.38 -30.26
N ASP C 137 31.46 -18.57 -29.45
CA ASP C 137 32.49 -19.03 -28.50
C ASP C 137 31.85 -19.12 -27.13
N GLU C 138 30.81 -18.34 -26.90
CA GLU C 138 30.10 -18.35 -25.65
C GLU C 138 28.61 -18.20 -25.88
N ALA C 139 27.82 -18.68 -24.94
CA ALA C 139 26.39 -18.53 -25.02
C ALA C 139 25.92 -17.96 -23.72
N ILE C 140 25.02 -16.99 -23.81
CA ILE C 140 24.37 -16.48 -22.64
C ILE C 140 22.95 -17.00 -22.70
N ILE C 141 22.67 -18.06 -21.95
CA ILE C 141 21.33 -18.64 -21.89
C ILE C 141 20.42 -17.78 -20.99
N THR C 142 19.48 -17.09 -21.62
CA THR C 142 18.61 -16.13 -20.95
C THR C 142 17.32 -16.83 -20.52
N THR C 143 16.97 -16.73 -19.26
CA THR C 143 15.95 -17.60 -18.69
C THR C 143 15.13 -16.80 -17.68
N ASN C 144 13.83 -17.05 -17.62
CA ASN C 144 13.00 -16.56 -16.52
C ASN C 144 12.74 -17.68 -15.52
N PRO C 145 12.40 -17.31 -14.28
CA PRO C 145 12.01 -18.33 -13.31
C PRO C 145 10.60 -18.79 -13.66
N GLU C 146 10.46 -19.49 -14.77
CA GLU C 146 9.13 -19.90 -15.23
C GLU C 146 9.30 -21.24 -15.97
N VAL C 147 8.24 -22.03 -16.02
CA VAL C 147 8.36 -23.44 -16.37
C VAL C 147 8.64 -23.67 -17.87
N SER C 148 7.97 -22.92 -18.74
CA SER C 148 8.25 -22.91 -20.18
C SER C 148 9.69 -22.50 -20.54
N SER C 149 10.20 -21.47 -19.86
CA SER C 149 11.49 -20.89 -20.15
C SER C 149 12.65 -21.79 -19.70
N VAL C 150 12.47 -22.41 -18.53
CA VAL C 150 13.44 -23.40 -18.07
C VAL C 150 13.44 -24.63 -18.97
N ARG C 151 12.26 -25.09 -19.39
CA ARG C 151 12.25 -26.25 -20.28
C ARG C 151 12.91 -25.95 -21.63
N ASP C 152 12.64 -24.78 -22.19
CA ASP C 152 13.20 -24.39 -23.48
C ASP C 152 14.69 -24.06 -23.43
N SER C 153 15.18 -23.56 -22.28
CA SER C 153 16.61 -23.34 -22.11
C SER C 153 17.35 -24.68 -22.09
N ASP C 154 16.72 -25.69 -21.50
CA ASP C 154 17.35 -27.01 -21.46
C ASP C 154 17.49 -27.57 -22.85
N ARG C 155 16.51 -27.32 -23.72
CA ARG C 155 16.57 -27.84 -25.08
C ARG C 155 17.71 -27.14 -25.83
N ILE C 156 17.76 -25.82 -25.72
CA ILE C 156 18.86 -25.02 -26.28
C ILE C 156 20.26 -25.47 -25.81
N LEU C 157 20.40 -25.96 -24.57
CA LEU C 157 21.68 -26.47 -24.12
C LEU C 157 22.07 -27.73 -24.90
N GLY C 158 21.09 -28.62 -25.12
CA GLY C 158 21.24 -29.76 -26.01
C GLY C 158 21.72 -29.35 -27.41
N ILE C 159 21.13 -28.32 -28.00
CA ILE C 159 21.59 -27.87 -29.30
C ILE C 159 23.00 -27.25 -29.22
N LEU C 160 23.30 -26.47 -28.18
CA LEU C 160 24.61 -25.85 -28.08
C LEU C 160 25.71 -26.90 -28.04
N ALA C 161 25.36 -28.06 -27.51
CA ALA C 161 26.34 -29.09 -27.28
C ALA C 161 26.48 -30.03 -28.48
N SER C 162 25.57 -29.94 -29.44
CA SER C 162 25.59 -30.91 -30.54
C SER C 162 25.50 -30.34 -31.96
N LYS C 163 25.05 -29.09 -32.10
CA LYS C 163 24.82 -28.52 -33.43
C LYS C 163 25.64 -27.27 -33.71
N SER C 164 26.42 -26.84 -32.73
CA SER C 164 27.33 -25.71 -32.91
C SER C 164 28.55 -26.19 -33.69
N ARG C 165 29.32 -25.26 -34.25
CA ARG C 165 30.48 -25.64 -35.05
C ARG C 165 31.56 -26.26 -34.16
N ARG C 166 31.68 -25.77 -32.94
CA ARG C 166 32.63 -26.33 -31.98
C ARG C 166 32.26 -27.79 -31.60
N ALA C 167 30.97 -28.06 -31.39
CA ALA C 167 30.57 -29.41 -31.01
C ALA C 167 30.77 -30.36 -32.19
N GLU C 168 30.42 -29.89 -33.40
CA GLU C 168 30.48 -30.72 -34.61
C GLU C 168 31.92 -30.96 -35.05
N ASN C 169 32.89 -30.34 -34.38
CA ASN C 169 34.31 -30.54 -34.71
C ASN C 169 35.21 -30.88 -33.52
N GLY C 170 34.61 -31.32 -32.41
CA GLY C 170 35.40 -31.72 -31.25
C GLY C 170 36.34 -30.64 -30.80
N GLU C 171 36.02 -29.37 -31.06
CA GLU C 171 36.80 -28.28 -30.47
C GLU C 171 36.39 -28.05 -29.03
N GLU C 172 37.12 -27.16 -28.38
CA GLU C 172 36.71 -26.67 -27.07
C GLU C 172 35.23 -26.27 -27.14
N PRO C 173 34.36 -26.86 -26.30
CA PRO C 173 32.92 -26.53 -26.39
C PRO C 173 32.57 -25.07 -26.07
N ILE C 174 31.41 -24.63 -26.55
CA ILE C 174 30.90 -23.30 -26.25
C ILE C 174 30.86 -23.09 -24.74
N LYS C 175 31.43 -21.99 -24.25
CA LYS C 175 31.41 -21.63 -22.83
C LYS C 175 29.97 -21.14 -22.50
N GLU C 176 29.29 -21.76 -21.55
CA GLU C 176 27.88 -21.43 -21.30
C GLU C 176 27.66 -20.67 -20.01
N HIS C 177 26.75 -19.69 -20.04
CA HIS C 177 26.45 -18.88 -18.86
C HIS C 177 24.96 -18.67 -18.72
N LEU C 178 24.46 -18.71 -17.50
CA LEU C 178 23.05 -18.48 -17.26
C LEU C 178 22.81 -17.02 -16.89
N LEU C 179 21.95 -16.36 -17.63
CA LEU C 179 21.49 -15.03 -17.29
C LEU C 179 20.04 -15.14 -16.80
N LEU C 180 19.82 -15.14 -15.49
CA LEU C 180 18.49 -15.35 -14.98
C LEU C 180 17.84 -14.01 -15.00
N THR C 181 16.67 -13.90 -15.59
CA THR C 181 16.15 -12.58 -15.90
C THR C 181 14.69 -12.42 -15.47
N ARG C 182 14.28 -11.20 -15.13
CA ARG C 182 12.97 -10.94 -14.53
C ARG C 182 12.78 -11.65 -13.21
N TYR C 183 13.84 -11.70 -12.41
CA TYR C 183 13.80 -12.29 -11.08
C TYR C 183 13.01 -11.42 -10.09
N ASN C 184 12.39 -12.03 -9.10
CA ASN C 184 11.63 -11.29 -8.09
C ASN C 184 11.76 -11.99 -6.71
N PRO C 185 12.76 -11.59 -5.91
CA PRO C 185 13.06 -12.29 -4.65
C PRO C 185 11.85 -12.41 -3.74
N GLY C 186 11.01 -11.39 -3.69
CA GLY C 186 9.79 -11.45 -2.90
C GLY C 186 8.83 -12.56 -3.33
N ARG C 187 8.67 -12.69 -4.64
CA ARG C 187 7.85 -13.75 -5.17
C ARG C 187 8.43 -15.11 -4.83
N VAL C 188 9.77 -15.20 -4.79
CA VAL C 188 10.42 -16.46 -4.51
C VAL C 188 10.15 -16.88 -3.06
N SER C 189 10.19 -15.93 -2.14
CA SER C 189 10.06 -16.27 -0.73
C SER C 189 8.62 -16.54 -0.32
N ARG C 190 7.64 -15.96 -1.02
CA ARG C 190 6.22 -16.33 -0.83
C ARG C 190 5.88 -17.66 -1.53
N GLY C 191 6.90 -18.31 -2.09
CA GLY C 191 6.70 -19.60 -2.72
C GLY C 191 6.04 -19.59 -4.10
N ASP C 192 5.98 -18.43 -4.74
CA ASP C 192 5.29 -18.30 -6.03
C ASP C 192 6.20 -18.41 -7.26
N MET C 193 7.52 -18.38 -7.07
CA MET C 193 8.42 -18.30 -8.19
C MET C 193 9.63 -19.19 -7.94
N LEU C 194 10.02 -19.97 -8.93
CA LEU C 194 11.28 -20.71 -8.87
C LEU C 194 12.41 -19.77 -8.45
N SER C 195 13.25 -20.22 -7.54
CA SER C 195 14.36 -19.40 -7.07
C SER C 195 15.54 -19.55 -8.01
N MET C 196 16.51 -18.68 -7.84
CA MET C 196 17.75 -18.76 -8.58
C MET C 196 18.37 -20.14 -8.41
N GLU C 197 18.38 -20.68 -7.20
CA GLU C 197 18.98 -21.99 -6.96
C GLU C 197 18.17 -23.11 -7.61
N ASP C 198 16.85 -23.03 -7.58
CA ASP C 198 16.04 -24.04 -8.25
C ASP C 198 16.49 -24.12 -9.71
N VAL C 199 16.68 -22.96 -10.34
CA VAL C 199 16.99 -22.90 -11.76
C VAL C 199 18.38 -23.42 -12.02
N LEU C 200 19.33 -23.16 -11.13
CA LEU C 200 20.67 -23.73 -11.30
C LEU C 200 20.67 -25.28 -11.12
N GLU C 201 19.89 -25.82 -10.18
CA GLU C 201 19.91 -27.27 -9.97
C GLU C 201 19.42 -27.95 -11.24
N ILE C 202 18.58 -27.27 -12.01
CA ILE C 202 18.03 -27.86 -13.22
C ILE C 202 18.94 -27.65 -14.45
N LEU C 203 19.22 -26.39 -14.81
CA LEU C 203 20.13 -26.11 -15.92
C LEU C 203 21.49 -25.93 -15.33
N ARG C 204 22.35 -26.93 -15.34
CA ARG C 204 23.48 -26.85 -14.38
C ARG C 204 24.69 -26.14 -14.95
N ILE C 205 24.60 -24.82 -15.04
CA ILE C 205 25.65 -24.03 -15.67
C ILE C 205 26.00 -22.83 -14.78
N LYS C 206 27.09 -22.16 -15.12
CA LYS C 206 27.62 -21.05 -14.36
C LYS C 206 26.74 -19.81 -14.42
N LEU C 207 26.36 -19.23 -13.29
CA LEU C 207 25.56 -18.00 -13.28
C LEU C 207 26.43 -16.80 -13.68
N VAL C 208 25.96 -15.99 -14.61
CA VAL C 208 26.70 -14.81 -15.03
C VAL C 208 25.96 -13.50 -14.75
N GLY C 209 24.64 -13.55 -14.57
CA GLY C 209 23.92 -12.39 -14.07
C GLY C 209 22.52 -12.71 -13.61
N VAL C 210 21.93 -11.83 -12.81
CA VAL C 210 20.55 -11.95 -12.41
C VAL C 210 19.94 -10.58 -12.56
N ILE C 211 18.99 -10.44 -13.48
CA ILE C 211 18.37 -9.15 -13.72
C ILE C 211 17.02 -9.08 -13.04
N PRO C 212 16.87 -8.17 -12.07
CA PRO C 212 15.55 -8.09 -11.41
C PRO C 212 14.44 -7.56 -12.33
N GLU C 213 13.20 -8.02 -12.10
CA GLU C 213 12.02 -7.36 -12.65
C GLU C 213 12.14 -5.90 -12.30
N ASP C 214 11.99 -5.03 -13.30
CA ASP C 214 12.23 -3.62 -13.10
C ASP C 214 11.35 -2.79 -14.02
N GLN C 215 10.62 -1.83 -13.46
CA GLN C 215 9.75 -1.00 -14.27
C GLN C 215 10.56 -0.08 -15.20
N SER C 216 11.88 -0.07 -15.02
CA SER C 216 12.73 0.77 -15.87
C SER C 216 12.89 0.19 -17.27
N VAL C 217 12.70 -1.12 -17.42
CA VAL C 217 12.92 -1.75 -18.72
C VAL C 217 11.85 -1.32 -19.75
N LEU C 218 10.57 -1.23 -19.33
CA LEU C 218 9.54 -0.78 -20.26
C LEU C 218 9.80 0.67 -20.68
N ARG C 219 10.19 1.51 -19.71
CA ARG C 219 10.53 2.91 -20.00
C ARG C 219 11.74 3.05 -20.90
N ALA C 220 12.66 2.09 -20.83
CA ALA C 220 13.87 2.13 -21.66
C ALA C 220 13.56 1.81 -23.12
N SER C 221 12.78 0.76 -23.38
CA SER C 221 12.44 0.47 -24.76
C SER C 221 11.50 1.53 -25.35
N ASN C 222 10.64 2.11 -24.52
CA ASN C 222 9.77 3.20 -24.98
C ASN C 222 10.61 4.30 -25.66
N GLN C 223 11.76 4.63 -25.08
CA GLN C 223 12.64 5.67 -25.60
C GLN C 223 13.68 5.16 -26.55
N GLY C 224 13.82 3.86 -26.69
CA GLY C 224 14.89 3.36 -27.54
C GLY C 224 16.26 3.62 -26.93
N GLU C 225 16.36 3.41 -25.63
CA GLU C 225 17.58 3.62 -24.85
C GLU C 225 17.85 2.41 -23.95
N PRO C 226 18.87 1.61 -24.27
CA PRO C 226 19.15 0.36 -23.51
C PRO C 226 19.23 0.59 -22.01
N VAL C 227 18.72 -0.35 -21.21
CA VAL C 227 18.45 -0.08 -19.80
C VAL C 227 19.71 0.15 -18.94
N ILE C 228 20.89 -0.23 -19.44
CA ILE C 228 22.10 0.00 -18.69
C ILE C 228 22.45 1.50 -18.62
N LEU C 229 21.91 2.28 -19.54
CA LEU C 229 22.16 3.73 -19.58
C LEU C 229 21.38 4.50 -18.53
N ASP C 230 20.43 3.83 -17.88
CA ASP C 230 19.62 4.46 -16.84
C ASP C 230 20.26 4.10 -15.50
N ILE C 231 21.01 5.06 -14.95
CA ILE C 231 21.92 4.75 -13.85
C ILE C 231 21.17 4.55 -12.56
N ASN C 232 19.89 4.85 -12.53
CA ASN C 232 19.06 4.53 -11.37
C ASN C 232 18.30 3.21 -11.43
N ALA C 233 18.34 2.51 -12.56
CA ALA C 233 17.54 1.29 -12.74
C ALA C 233 18.25 0.08 -12.16
N ASP C 234 17.56 -0.71 -11.35
CA ASP C 234 18.21 -1.90 -10.78
C ASP C 234 18.62 -2.88 -11.88
N ALA C 235 17.80 -2.97 -12.94
CA ALA C 235 18.09 -3.84 -14.03
C ALA C 235 19.36 -3.36 -14.73
N GLY C 236 19.55 -2.04 -14.76
CA GLY C 236 20.73 -1.46 -15.38
C GLY C 236 21.99 -1.82 -14.63
N LYS C 237 21.94 -1.65 -13.32
CA LYS C 237 23.07 -2.01 -12.47
C LYS C 237 23.40 -3.48 -12.59
N ALA C 238 22.39 -4.36 -12.63
CA ALA C 238 22.65 -5.80 -12.69
C ALA C 238 23.27 -6.17 -14.02
N TYR C 239 22.95 -5.41 -15.07
CA TYR C 239 23.55 -5.64 -16.40
C TYR C 239 24.99 -5.12 -16.45
N ALA C 240 25.27 -4.04 -15.72
CA ALA C 240 26.63 -3.57 -15.60
C ALA C 240 27.50 -4.58 -14.83
N ASP C 241 26.95 -5.18 -13.76
CA ASP C 241 27.62 -6.31 -13.09
C ASP C 241 27.93 -7.44 -14.06
N THR C 242 26.93 -7.84 -14.86
CA THR C 242 27.11 -8.93 -15.81
C THR C 242 28.29 -8.63 -16.71
N VAL C 243 28.33 -7.43 -17.30
CA VAL C 243 29.43 -7.03 -18.17
C VAL C 243 30.78 -7.16 -17.43
N GLU C 244 30.84 -6.74 -16.18
CA GLU C 244 32.07 -6.90 -15.41
C GLU C 244 32.48 -8.35 -15.36
N ARG C 245 31.52 -9.24 -15.10
CA ARG C 245 31.81 -10.68 -15.00
C ARG C 245 32.27 -11.23 -16.33
N LEU C 246 31.76 -10.69 -17.43
CA LEU C 246 32.15 -11.17 -18.75
C LEU C 246 33.58 -10.77 -19.05
N LEU C 247 34.02 -9.70 -18.41
CA LEU C 247 35.36 -9.18 -18.62
C LEU C 247 36.34 -9.77 -17.59
N GLY C 248 35.83 -10.65 -16.73
CA GLY C 248 36.69 -11.40 -15.84
C GLY C 248 36.78 -10.94 -14.39
N GLU C 249 36.04 -9.89 -14.04
CA GLU C 249 35.99 -9.38 -12.68
C GLU C 249 34.87 -9.99 -11.85
N GLU C 250 35.19 -10.55 -10.69
CA GLU C 250 34.13 -11.00 -9.78
C GLU C 250 33.29 -9.81 -9.31
N ARG C 251 31.98 -10.01 -9.13
CA ARG C 251 31.11 -9.01 -8.53
C ARG C 251 30.03 -9.75 -7.78
N PRO C 252 29.74 -9.32 -6.55
CA PRO C 252 28.71 -10.03 -5.77
C PRO C 252 27.34 -9.92 -6.45
N PHE C 253 26.49 -10.93 -6.33
CA PHE C 253 25.18 -10.89 -6.94
C PHE C 253 24.21 -10.09 -6.10
N ARG C 254 23.82 -8.93 -6.64
CA ARG C 254 22.81 -8.09 -6.01
C ARG C 254 21.41 -8.43 -6.50
N PHE C 255 20.42 -7.95 -5.75
CA PHE C 255 19.01 -8.13 -6.11
C PHE C 255 18.59 -9.61 -6.16
N ILE C 256 19.18 -10.45 -5.31
CA ILE C 256 18.72 -11.84 -5.15
C ILE C 256 18.05 -12.09 -3.79
N GLU C 257 18.24 -11.18 -2.85
CA GLU C 257 17.52 -11.25 -1.59
C GLU C 257 16.73 -9.98 -1.50
N GLU C 258 15.66 -9.97 -0.71
CA GLU C 258 14.76 -8.81 -0.65
C GLU C 258 15.07 -7.90 0.53
N ALA D 2 -17.27 -25.07 -37.87
CA ALA D 2 -16.13 -24.97 -36.96
C ALA D 2 -15.36 -23.69 -37.21
N ARG D 3 -15.18 -22.91 -36.15
CA ARG D 3 -14.37 -21.71 -36.22
C ARG D 3 -12.94 -22.05 -35.90
N ILE D 4 -12.05 -21.94 -36.88
CA ILE D 4 -10.62 -22.11 -36.64
C ILE D 4 -9.99 -20.79 -36.22
N ILE D 5 -9.61 -20.66 -34.94
CA ILE D 5 -9.09 -19.40 -34.43
C ILE D 5 -7.61 -19.47 -34.14
N VAL D 6 -6.80 -18.73 -34.89
CA VAL D 6 -5.36 -18.67 -34.60
C VAL D 6 -5.06 -17.60 -33.57
N VAL D 7 -4.27 -17.97 -32.54
CA VAL D 7 -3.76 -17.03 -31.55
C VAL D 7 -2.31 -16.72 -31.96
N THR D 8 -2.04 -15.50 -32.40
CA THR D 8 -0.78 -15.19 -33.06
C THR D 8 -0.20 -13.91 -32.48
N SER D 9 0.96 -13.44 -32.96
CA SER D 9 1.57 -12.25 -32.34
C SER D 9 2.82 -11.74 -33.01
N GLY D 10 3.63 -12.64 -33.55
CA GLY D 10 4.95 -12.26 -34.04
C GLY D 10 5.96 -12.23 -32.90
N LYS D 11 5.78 -11.27 -31.98
CA LYS D 11 6.66 -11.12 -30.85
C LYS D 11 6.57 -12.36 -29.95
N GLY D 12 7.70 -12.82 -29.42
CA GLY D 12 7.70 -13.91 -28.47
C GLY D 12 7.32 -13.43 -27.08
N GLY D 13 6.72 -14.32 -26.30
CA GLY D 13 6.42 -14.06 -24.90
C GLY D 13 5.42 -12.98 -24.55
N VAL D 14 4.35 -12.83 -25.33
CA VAL D 14 3.35 -11.82 -25.03
C VAL D 14 2.15 -12.41 -24.30
N GLY D 15 1.96 -13.72 -24.38
CA GLY D 15 0.82 -14.35 -23.74
C GLY D 15 0.00 -15.26 -24.63
N LYS D 16 0.54 -15.65 -25.78
CA LYS D 16 -0.16 -16.54 -26.72
C LYS D 16 -0.60 -17.86 -26.08
N THR D 17 0.33 -18.54 -25.42
CA THR D 17 0.05 -19.81 -24.76
C THR D 17 -0.97 -19.63 -23.64
N THR D 18 -0.78 -18.60 -22.82
CA THR D 18 -1.66 -18.29 -21.71
C THR D 18 -3.05 -18.04 -22.24
N SER D 19 -3.13 -17.27 -23.31
CA SER D 19 -4.41 -16.93 -23.93
C SER D 19 -5.05 -18.12 -24.65
N SER D 20 -4.26 -18.87 -25.42
CA SER D 20 -4.76 -20.05 -26.12
C SER D 20 -5.39 -21.03 -25.10
N ALA D 21 -4.73 -21.17 -23.95
CA ALA D 21 -5.12 -22.14 -22.94
C ALA D 21 -6.35 -21.63 -22.18
N ALA D 22 -6.30 -20.41 -21.66
CA ALA D 22 -7.45 -19.83 -20.97
C ALA D 22 -8.70 -19.76 -21.88
N ILE D 23 -8.56 -19.29 -23.13
CA ILE D 23 -9.68 -19.18 -24.04
C ILE D 23 -10.22 -20.55 -24.44
N ALA D 24 -9.37 -21.51 -24.81
CA ALA D 24 -9.87 -22.86 -25.16
C ALA D 24 -10.69 -23.43 -24.00
N THR D 25 -10.17 -23.32 -22.79
CA THR D 25 -10.83 -23.83 -21.58
C THR D 25 -12.18 -23.13 -21.36
N GLY D 26 -12.17 -21.79 -21.40
CA GLY D 26 -13.38 -20.99 -21.31
C GLY D 26 -14.48 -21.36 -22.29
N LEU D 27 -14.11 -21.59 -23.55
CA LEU D 27 -15.04 -22.07 -24.59
C LEU D 27 -15.58 -23.47 -24.23
N ALA D 28 -14.70 -24.34 -23.73
CA ALA D 28 -15.10 -25.69 -23.35
C ALA D 28 -16.09 -25.62 -22.20
N GLN D 29 -15.80 -24.73 -21.26
CA GLN D 29 -16.67 -24.54 -20.11
C GLN D 29 -18.07 -24.17 -20.57
N LYS D 30 -18.15 -23.40 -21.65
CA LYS D 30 -19.44 -22.93 -22.16
C LYS D 30 -20.13 -24.00 -23.02
N GLY D 31 -19.67 -25.24 -22.91
CA GLY D 31 -20.30 -26.35 -23.59
C GLY D 31 -19.92 -26.52 -25.05
N LYS D 32 -19.02 -25.67 -25.56
CA LYS D 32 -18.54 -25.82 -26.94
C LYS D 32 -17.33 -26.77 -27.00
N LYS D 33 -17.47 -27.87 -27.74
CA LYS D 33 -16.40 -28.84 -27.92
C LYS D 33 -15.18 -28.18 -28.61
N THR D 34 -14.08 -28.12 -27.90
CA THR D 34 -12.94 -27.33 -28.36
C THR D 34 -11.65 -28.14 -28.34
N VAL D 35 -10.82 -27.99 -29.37
CA VAL D 35 -9.46 -28.50 -29.31
C VAL D 35 -8.44 -27.36 -29.45
N VAL D 36 -7.36 -27.40 -28.68
CA VAL D 36 -6.33 -26.39 -28.80
C VAL D 36 -5.06 -27.11 -29.27
N ILE D 37 -4.46 -26.63 -30.36
CA ILE D 37 -3.33 -27.29 -30.99
C ILE D 37 -2.06 -26.45 -30.87
N ASP D 38 -0.99 -27.06 -30.35
CA ASP D 38 0.31 -26.41 -30.28
C ASP D 38 1.02 -26.52 -31.63
N PHE D 39 1.21 -25.39 -32.31
CA PHE D 39 1.88 -25.38 -33.61
C PHE D 39 3.38 -25.17 -33.53
N ALA D 40 3.94 -25.17 -32.32
CA ALA D 40 5.38 -24.97 -32.19
C ALA D 40 6.24 -26.09 -32.84
N ILE D 41 7.44 -25.72 -33.27
CA ILE D 41 8.35 -26.69 -33.88
C ILE D 41 9.49 -27.03 -32.91
N GLY D 42 9.35 -28.12 -32.17
CA GLY D 42 10.43 -28.61 -31.35
C GLY D 42 10.36 -28.14 -29.91
N LEU D 43 9.38 -27.32 -29.57
CA LEU D 43 9.25 -26.83 -28.21
C LEU D 43 7.83 -27.06 -27.75
N ARG D 44 7.69 -27.82 -26.68
CA ARG D 44 6.39 -28.21 -26.19
C ARG D 44 6.05 -27.34 -25.00
N ASN D 45 5.24 -26.29 -25.21
CA ASN D 45 4.83 -25.40 -24.09
C ASN D 45 3.35 -25.45 -23.74
N LEU D 46 2.50 -25.80 -24.70
CA LEU D 46 1.06 -25.87 -24.45
C LEU D 46 0.73 -26.98 -23.43
N ASP D 47 1.30 -28.17 -23.62
CA ASP D 47 1.09 -29.24 -22.61
C ASP D 47 1.50 -28.85 -21.20
N LEU D 48 2.52 -28.03 -21.07
CA LEU D 48 2.99 -27.58 -19.76
C LEU D 48 1.98 -26.64 -19.11
N ILE D 49 1.37 -25.77 -19.89
CA ILE D 49 0.41 -24.80 -19.36
C ILE D 49 -0.98 -25.42 -19.07
N MET D 50 -1.37 -26.43 -19.85
CA MET D 50 -2.61 -27.16 -19.66
C MET D 50 -2.49 -28.25 -18.59
N GLY D 51 -1.26 -28.51 -18.16
CA GLY D 51 -1.03 -29.47 -17.09
C GLY D 51 -1.09 -30.92 -17.51
N CYS D 52 -0.81 -31.21 -18.77
CA CYS D 52 -0.86 -32.59 -19.24
C CYS D 52 0.46 -33.04 -19.85
N GLU D 53 1.57 -32.51 -19.34
CA GLU D 53 2.88 -32.76 -19.95
C GLU D 53 3.28 -34.23 -19.88
N ARG D 54 2.62 -34.97 -19.01
CA ARG D 54 3.02 -36.34 -18.78
C ARG D 54 2.08 -37.36 -19.41
N ARG D 55 1.00 -36.89 -20.02
CA ARG D 55 0.11 -37.78 -20.76
C ARG D 55 0.35 -37.69 -22.28
N VAL D 56 1.35 -36.91 -22.67
CA VAL D 56 1.70 -36.75 -24.06
C VAL D 56 2.41 -37.99 -24.58
N VAL D 57 1.72 -38.79 -25.39
CA VAL D 57 2.34 -39.95 -26.04
C VAL D 57 2.68 -39.64 -27.48
N TYR D 58 1.68 -39.22 -28.26
CA TYR D 58 1.89 -38.86 -29.65
C TYR D 58 1.56 -37.39 -29.85
N ASP D 59 2.16 -36.76 -30.85
CA ASP D 59 1.92 -35.35 -31.12
C ASP D 59 1.45 -35.04 -32.57
N PHE D 60 1.36 -33.74 -32.86
CA PHE D 60 0.80 -33.20 -34.08
C PHE D 60 1.55 -33.82 -35.25
N VAL D 61 2.88 -33.79 -35.22
CA VAL D 61 3.67 -34.31 -36.34
C VAL D 61 3.60 -35.84 -36.45
N ASN D 62 3.39 -36.52 -35.33
CA ASN D 62 3.18 -37.96 -35.39
C ASN D 62 1.94 -38.31 -36.20
N VAL D 63 0.88 -37.51 -36.03
CA VAL D 63 -0.38 -37.70 -36.75
C VAL D 63 -0.25 -37.40 -38.25
N ILE D 64 0.50 -36.36 -38.57
CA ILE D 64 0.75 -35.97 -39.95
C ILE D 64 1.56 -37.05 -40.69
N GLN D 65 2.53 -37.66 -40.02
CA GLN D 65 3.37 -38.67 -40.67
C GLN D 65 2.79 -40.10 -40.55
N GLY D 66 1.54 -40.20 -40.13
CA GLY D 66 0.88 -41.50 -39.99
C GLY D 66 1.46 -42.47 -38.97
N ASP D 67 2.18 -41.98 -37.97
CA ASP D 67 2.63 -42.84 -36.89
C ASP D 67 1.58 -42.92 -35.81
N ALA D 68 0.52 -42.14 -35.91
CA ALA D 68 -0.52 -42.18 -34.88
C ALA D 68 -1.81 -41.57 -35.39
N THR D 69 -2.94 -41.99 -34.81
CA THR D 69 -4.21 -41.42 -35.21
C THR D 69 -4.50 -40.18 -34.39
N LEU D 70 -5.42 -39.36 -34.86
CA LEU D 70 -5.83 -38.18 -34.11
C LEU D 70 -6.31 -38.62 -32.75
N ASN D 71 -7.01 -39.75 -32.68
CA ASN D 71 -7.47 -40.27 -31.40
C ASN D 71 -6.34 -40.66 -30.44
N GLN D 72 -5.24 -41.16 -30.98
CA GLN D 72 -4.11 -41.53 -30.15
C GLN D 72 -3.34 -40.31 -29.65
N ALA D 73 -3.34 -39.22 -30.41
CA ALA D 73 -2.54 -38.04 -30.05
C ALA D 73 -3.33 -37.01 -29.24
N LEU D 74 -4.66 -36.94 -29.43
CA LEU D 74 -5.47 -35.98 -28.68
C LEU D 74 -5.44 -36.37 -27.21
N ILE D 75 -5.30 -35.37 -26.36
CA ILE D 75 -5.37 -35.59 -24.93
C ILE D 75 -6.67 -34.94 -24.45
N LYS D 76 -7.59 -35.74 -23.91
CA LYS D 76 -8.81 -35.18 -23.33
C LYS D 76 -8.50 -34.60 -21.95
N ASP D 77 -8.79 -33.31 -21.75
CA ASP D 77 -8.54 -32.67 -20.47
C ASP D 77 -9.34 -33.41 -19.37
N LYS D 78 -8.74 -33.56 -18.20
CA LYS D 78 -9.37 -34.26 -17.08
C LYS D 78 -10.24 -33.33 -16.24
N ARG D 79 -9.90 -32.06 -16.23
CA ARG D 79 -10.49 -31.12 -15.29
C ARG D 79 -11.75 -30.50 -15.87
N THR D 80 -11.72 -30.21 -17.18
CA THR D 80 -12.82 -29.53 -17.86
C THR D 80 -13.40 -30.42 -18.93
N GLU D 81 -14.71 -30.63 -18.89
CA GLU D 81 -15.39 -31.38 -19.93
C GLU D 81 -15.36 -30.59 -21.28
N ASN D 82 -15.42 -31.31 -22.38
CA ASN D 82 -15.49 -30.69 -23.71
C ASN D 82 -14.16 -30.19 -24.28
N LEU D 83 -13.04 -30.42 -23.59
CA LEU D 83 -11.75 -29.80 -23.95
C LEU D 83 -10.69 -30.85 -24.32
N TYR D 84 -9.93 -30.59 -25.39
CA TYR D 84 -8.91 -31.52 -25.88
C TYR D 84 -7.64 -30.76 -26.28
N ILE D 85 -6.51 -31.44 -26.26
CA ILE D 85 -5.24 -30.81 -26.54
C ILE D 85 -4.47 -31.66 -27.53
N LEU D 86 -3.96 -31.06 -28.59
CA LEU D 86 -3.09 -31.74 -29.51
C LEU D 86 -1.69 -31.13 -29.34
N PRO D 87 -0.75 -31.92 -28.81
CA PRO D 87 0.50 -31.26 -28.45
C PRO D 87 1.51 -31.16 -29.59
N ALA D 88 2.53 -30.33 -29.42
CA ALA D 88 3.48 -30.05 -30.48
C ALA D 88 4.53 -31.10 -30.62
N SER D 89 5.05 -31.26 -31.83
CA SER D 89 6.17 -32.16 -32.09
C SER D 89 7.41 -31.70 -31.38
N GLN D 90 8.38 -32.61 -31.22
CA GLN D 90 9.65 -32.25 -30.58
C GLN D 90 10.86 -32.56 -31.47
N THR D 91 10.67 -32.52 -32.78
CA THR D 91 11.81 -32.61 -33.70
C THR D 91 12.23 -31.21 -34.14
N ARG D 92 13.48 -31.05 -34.53
CA ARG D 92 13.93 -29.75 -35.04
C ARG D 92 13.59 -29.53 -36.52
N ASP D 93 13.07 -30.56 -37.20
CA ASP D 93 12.80 -30.50 -38.65
C ASP D 93 11.74 -29.44 -39.03
N LYS D 94 12.17 -28.38 -39.71
CA LYS D 94 11.26 -27.32 -40.17
C LYS D 94 10.17 -27.82 -41.18
N ASP D 95 10.56 -28.72 -42.10
CA ASP D 95 9.61 -29.37 -43.02
C ASP D 95 8.38 -29.93 -42.32
N ALA D 96 8.63 -30.71 -41.27
CA ALA D 96 7.65 -31.60 -40.62
C ALA D 96 6.19 -31.23 -40.79
N LEU D 97 5.84 -30.00 -40.43
CA LEU D 97 4.48 -29.51 -40.56
C LEU D 97 4.20 -29.13 -42.01
N THR D 98 3.48 -29.96 -42.76
CA THR D 98 3.15 -29.64 -44.15
C THR D 98 1.78 -29.01 -44.23
N ARG D 99 1.57 -28.18 -45.25
CA ARG D 99 0.26 -27.58 -45.55
C ARG D 99 -0.81 -28.66 -45.83
N GLU D 100 -0.44 -29.70 -46.57
CA GLU D 100 -1.38 -30.76 -46.86
C GLU D 100 -1.67 -31.52 -45.57
N GLY D 101 -0.63 -31.68 -44.77
CA GLY D 101 -0.75 -32.44 -43.54
C GLY D 101 -1.68 -31.77 -42.54
N VAL D 102 -1.45 -30.47 -42.33
CA VAL D 102 -2.24 -29.69 -41.39
C VAL D 102 -3.69 -29.59 -41.81
N ALA D 103 -3.93 -29.50 -43.12
CA ALA D 103 -5.29 -29.43 -43.65
C ALA D 103 -6.05 -30.72 -43.36
N LYS D 104 -5.36 -31.84 -43.56
CA LYS D 104 -5.95 -33.14 -43.33
C LYS D 104 -6.36 -33.28 -41.87
N VAL D 105 -5.46 -32.93 -40.96
CA VAL D 105 -5.78 -32.92 -39.54
C VAL D 105 -7.00 -32.03 -39.24
N LEU D 106 -7.01 -30.80 -39.75
CA LEU D 106 -8.14 -29.90 -39.44
C LEU D 106 -9.47 -30.46 -39.95
N ASP D 107 -9.48 -31.08 -41.13
CA ASP D 107 -10.71 -31.70 -41.64
C ASP D 107 -11.16 -32.85 -40.74
N ASP D 108 -10.24 -33.72 -40.33
CA ASP D 108 -10.57 -34.76 -39.35
C ASP D 108 -11.20 -34.21 -38.07
N LEU D 109 -10.68 -33.08 -37.60
CA LEU D 109 -11.22 -32.46 -36.39
C LEU D 109 -12.63 -31.92 -36.62
N LYS D 110 -12.89 -31.30 -37.78
CA LYS D 110 -14.23 -30.83 -38.12
C LYS D 110 -15.16 -32.05 -38.17
N ALA D 111 -14.65 -33.16 -38.69
CA ALA D 111 -15.44 -34.39 -38.81
C ALA D 111 -15.74 -35.00 -37.44
N MET D 112 -14.88 -34.73 -36.46
CA MET D 112 -15.12 -35.22 -35.11
C MET D 112 -16.04 -34.28 -34.35
N ASP D 113 -16.59 -33.30 -35.04
CA ASP D 113 -17.56 -32.36 -34.45
C ASP D 113 -17.00 -31.31 -33.51
N PHE D 114 -15.75 -30.90 -33.69
CA PHE D 114 -15.22 -29.80 -32.89
C PHE D 114 -15.80 -28.47 -33.38
N GLU D 115 -16.35 -27.66 -32.47
CA GLU D 115 -16.87 -26.35 -32.81
C GLU D 115 -15.79 -25.29 -32.91
N PHE D 116 -14.77 -25.41 -32.08
CA PHE D 116 -13.70 -24.44 -32.04
C PHE D 116 -12.39 -25.16 -32.11
N ILE D 117 -11.59 -24.79 -33.09
CA ILE D 117 -10.23 -25.29 -33.17
C ILE D 117 -9.33 -24.10 -32.90
N VAL D 118 -8.76 -24.04 -31.69
CA VAL D 118 -7.88 -22.93 -31.30
C VAL D 118 -6.44 -23.28 -31.61
N CYS D 119 -5.81 -22.51 -32.49
CA CYS D 119 -4.46 -22.80 -32.95
C CYS D 119 -3.46 -21.94 -32.22
N ASP D 120 -2.74 -22.53 -31.26
CA ASP D 120 -1.71 -21.84 -30.50
C ASP D 120 -0.44 -21.66 -31.32
N SER D 121 -0.29 -20.50 -31.95
CA SER D 121 0.87 -20.23 -32.79
C SER D 121 2.15 -19.97 -32.04
N PRO D 122 3.29 -20.37 -32.63
CA PRO D 122 4.60 -19.95 -32.11
C PRO D 122 4.95 -18.50 -32.48
N ALA D 123 6.07 -17.97 -31.95
CA ALA D 123 6.56 -16.65 -32.37
C ALA D 123 7.05 -16.69 -33.81
N GLY D 124 7.36 -15.51 -34.33
CA GLY D 124 7.92 -15.40 -35.65
C GLY D 124 6.88 -15.31 -36.75
N ILE D 125 7.39 -15.34 -37.98
CA ILE D 125 6.56 -15.25 -39.17
C ILE D 125 7.03 -16.33 -40.16
N GLU D 126 7.93 -17.20 -39.70
CA GLU D 126 8.51 -18.25 -40.54
C GLU D 126 7.55 -19.43 -40.75
N THR D 127 7.92 -20.62 -40.28
CA THR D 127 7.19 -21.83 -40.65
C THR D 127 6.02 -22.16 -39.73
N GLY D 128 6.27 -22.40 -38.45
CA GLY D 128 5.19 -22.81 -37.57
C GLY D 128 4.07 -21.79 -37.47
N ALA D 129 4.44 -20.51 -37.51
CA ALA D 129 3.48 -19.43 -37.32
C ALA D 129 2.65 -19.26 -38.57
N LEU D 130 3.30 -19.37 -39.71
CA LEU D 130 2.60 -19.27 -40.98
C LEU D 130 1.55 -20.40 -41.07
N MET D 131 1.94 -21.61 -40.68
CA MET D 131 1.06 -22.76 -40.71
C MET D 131 -0.16 -22.66 -39.79
N ALA D 132 -0.01 -21.95 -38.67
CA ALA D 132 -1.10 -21.80 -37.73
C ALA D 132 -2.16 -20.81 -38.22
N LEU D 133 -1.76 -19.83 -39.01
CA LEU D 133 -2.70 -18.82 -39.43
C LEU D 133 -3.27 -19.15 -40.81
N TYR D 134 -2.52 -19.90 -41.60
CA TYR D 134 -2.91 -20.23 -42.96
C TYR D 134 -4.37 -20.63 -43.14
N PHE D 135 -4.91 -21.48 -42.27
CA PHE D 135 -6.29 -21.97 -42.46
C PHE D 135 -7.30 -21.27 -41.57
N ALA D 136 -6.88 -20.19 -40.91
CA ALA D 136 -7.70 -19.58 -39.86
C ALA D 136 -8.89 -18.91 -40.47
N ASP D 137 -10.01 -18.90 -39.72
CA ASP D 137 -11.15 -18.04 -40.00
C ASP D 137 -11.04 -16.76 -39.18
N GLU D 138 -10.34 -16.83 -38.05
CA GLU D 138 -10.16 -15.65 -37.21
C GLU D 138 -8.77 -15.63 -36.63
N ALA D 139 -8.31 -14.45 -36.26
CA ALA D 139 -7.01 -14.32 -35.63
C ALA D 139 -7.17 -13.47 -34.40
N ILE D 140 -6.61 -13.95 -33.31
CA ILE D 140 -6.46 -13.15 -32.11
C ILE D 140 -5.00 -12.66 -32.09
N ILE D 141 -4.82 -11.39 -32.45
CA ILE D 141 -3.50 -10.76 -32.40
C ILE D 141 -3.18 -10.36 -30.96
N THR D 142 -2.23 -11.04 -30.33
CA THR D 142 -1.92 -10.91 -28.91
C THR D 142 -0.74 -9.98 -28.73
N THR D 143 -0.95 -8.91 -27.95
CA THR D 143 -0.06 -7.76 -27.99
C THR D 143 0.16 -7.17 -26.60
N ASN D 144 1.37 -6.75 -26.29
CA ASN D 144 1.64 -6.00 -25.05
C ASN D 144 1.73 -4.52 -25.36
N PRO D 145 1.50 -3.68 -24.34
CA PRO D 145 1.71 -2.25 -24.56
C PRO D 145 3.20 -1.98 -24.58
N GLU D 146 3.90 -2.50 -25.58
CA GLU D 146 5.34 -2.36 -25.62
C GLU D 146 5.75 -2.22 -27.09
N VAL D 147 6.87 -1.57 -27.34
CA VAL D 147 7.23 -1.13 -28.68
C VAL D 147 7.57 -2.28 -29.66
N SER D 148 8.30 -3.29 -29.20
CA SER D 148 8.61 -4.48 -30.02
C SER D 148 7.34 -5.25 -30.42
N SER D 149 6.43 -5.41 -29.45
CA SER D 149 5.24 -6.21 -29.62
C SER D 149 4.26 -5.54 -30.58
N VAL D 150 4.10 -4.24 -30.46
CA VAL D 150 3.22 -3.51 -31.37
C VAL D 150 3.81 -3.51 -32.79
N ARG D 151 5.13 -3.39 -32.92
CA ARG D 151 5.71 -3.42 -34.25
C ARG D 151 5.57 -4.80 -34.87
N ASP D 152 5.72 -5.86 -34.09
CA ASP D 152 5.67 -7.22 -34.64
C ASP D 152 4.23 -7.65 -34.91
N SER D 153 3.25 -7.08 -34.20
CA SER D 153 1.85 -7.39 -34.43
C SER D 153 1.47 -6.78 -35.76
N ASP D 154 2.00 -5.60 -36.04
CA ASP D 154 1.71 -4.97 -37.33
C ASP D 154 2.20 -5.85 -38.47
N ARG D 155 3.37 -6.47 -38.29
CA ARG D 155 3.93 -7.25 -39.37
C ARG D 155 3.05 -8.46 -39.59
N ILE D 156 2.62 -9.06 -38.50
CA ILE D 156 1.68 -10.19 -38.54
C ILE D 156 0.34 -9.85 -39.24
N LEU D 157 -0.14 -8.62 -39.12
CA LEU D 157 -1.37 -8.24 -39.80
C LEU D 157 -1.15 -8.22 -41.32
N GLY D 158 0.06 -7.84 -41.73
CA GLY D 158 0.44 -7.85 -43.12
C GLY D 158 0.51 -9.26 -43.67
N ILE D 159 0.95 -10.22 -42.85
CA ILE D 159 0.94 -11.62 -43.26
C ILE D 159 -0.49 -12.18 -43.29
N LEU D 160 -1.31 -11.84 -42.31
CA LEU D 160 -2.67 -12.33 -42.26
C LEU D 160 -3.41 -11.89 -43.50
N ALA D 161 -3.02 -10.73 -44.04
CA ALA D 161 -3.76 -10.14 -45.15
C ALA D 161 -3.23 -10.54 -46.52
N SER D 162 -2.09 -11.24 -46.55
CA SER D 162 -1.50 -11.63 -47.82
C SER D 162 -1.06 -13.10 -47.96
N LYS D 163 -0.89 -13.82 -46.86
CA LYS D 163 -0.31 -15.17 -46.93
C LYS D 163 -1.24 -16.24 -46.39
N SER D 164 -2.36 -15.84 -45.81
CA SER D 164 -3.39 -16.77 -45.40
C SER D 164 -4.11 -17.36 -46.61
N ARG D 165 -4.80 -18.49 -46.44
CA ARG D 165 -5.49 -19.15 -47.55
C ARG D 165 -6.62 -18.26 -48.01
N ARG D 166 -7.27 -17.57 -47.07
CA ARG D 166 -8.35 -16.68 -47.43
C ARG D 166 -7.89 -15.47 -48.25
N ALA D 167 -6.73 -14.93 -47.91
CA ALA D 167 -6.21 -13.81 -48.66
C ALA D 167 -5.71 -14.22 -50.06
N GLU D 168 -5.06 -15.38 -50.15
CA GLU D 168 -4.53 -15.87 -51.42
C GLU D 168 -5.64 -16.34 -52.38
N ASN D 169 -6.89 -16.38 -51.92
CA ASN D 169 -8.00 -16.82 -52.77
C ASN D 169 -9.15 -15.83 -52.80
N GLY D 170 -8.93 -14.61 -52.34
CA GLY D 170 -9.97 -13.60 -52.40
C GLY D 170 -11.26 -14.01 -51.72
N GLU D 171 -11.14 -14.83 -50.70
CA GLU D 171 -12.28 -15.18 -49.88
C GLU D 171 -12.49 -14.08 -48.87
N GLU D 172 -13.61 -14.15 -48.16
CA GLU D 172 -13.84 -13.29 -47.00
C GLU D 172 -12.58 -13.32 -46.15
N PRO D 173 -11.99 -12.15 -45.85
CA PRO D 173 -10.73 -12.12 -45.09
C PRO D 173 -10.82 -12.61 -43.63
N ILE D 174 -9.72 -13.11 -43.09
CA ILE D 174 -9.63 -13.52 -41.69
C ILE D 174 -10.20 -12.42 -40.81
N LYS D 175 -11.06 -12.78 -39.87
CA LYS D 175 -11.68 -11.81 -38.96
C LYS D 175 -10.63 -11.52 -37.87
N GLU D 176 -10.17 -10.27 -37.71
CA GLU D 176 -9.07 -9.97 -36.78
C GLU D 176 -9.53 -9.29 -35.51
N HIS D 177 -8.98 -9.71 -34.36
CA HIS D 177 -9.28 -9.12 -33.07
C HIS D 177 -8.00 -8.85 -32.32
N LEU D 178 -7.95 -7.76 -31.55
CA LEU D 178 -6.79 -7.42 -30.75
C LEU D 178 -7.03 -7.87 -29.32
N LEU D 179 -6.12 -8.70 -28.79
CA LEU D 179 -6.14 -9.11 -27.38
C LEU D 179 -4.95 -8.40 -26.72
N LEU D 180 -5.24 -7.31 -26.01
CA LEU D 180 -4.19 -6.50 -25.39
C LEU D 180 -3.86 -7.12 -24.04
N THR D 181 -2.62 -7.53 -23.87
CA THR D 181 -2.29 -8.37 -22.75
C THR D 181 -1.17 -7.80 -21.87
N ARG D 182 -1.20 -8.15 -20.59
CA ARG D 182 -0.29 -7.57 -19.61
C ARG D 182 -0.46 -6.06 -19.48
N TYR D 183 -1.73 -5.63 -19.47
CA TYR D 183 -2.04 -4.21 -19.32
C TYR D 183 -1.91 -3.74 -17.87
N ASN D 184 -1.55 -2.48 -17.67
CA ASN D 184 -1.37 -1.93 -16.31
C ASN D 184 -1.83 -0.47 -16.28
N PRO D 185 -3.12 -0.24 -15.97
CA PRO D 185 -3.69 1.11 -16.05
C PRO D 185 -2.90 2.17 -15.26
N GLY D 186 -2.38 1.78 -14.10
CA GLY D 186 -1.53 2.66 -13.30
C GLY D 186 -0.29 3.11 -14.05
N ARG D 187 0.38 2.18 -14.71
CA ARG D 187 1.54 2.53 -15.51
C ARG D 187 1.15 3.44 -16.67
N VAL D 188 -0.05 3.28 -17.18
CA VAL D 188 -0.48 4.09 -18.32
C VAL D 188 -0.67 5.55 -17.87
N SER D 189 -1.25 5.73 -16.70
CA SER D 189 -1.53 7.09 -16.26
C SER D 189 -0.28 7.85 -15.74
N ARG D 190 0.71 7.13 -15.22
CA ARG D 190 1.98 7.76 -14.91
C ARG D 190 2.83 8.00 -16.18
N GLY D 191 2.27 7.71 -17.34
CA GLY D 191 2.94 8.00 -18.61
C GLY D 191 4.04 7.02 -18.97
N ASP D 192 4.07 5.85 -18.35
CA ASP D 192 5.14 4.87 -18.60
C ASP D 192 4.79 3.76 -19.58
N MET D 193 3.51 3.67 -19.96
CA MET D 193 3.07 2.56 -20.78
C MET D 193 2.08 3.05 -21.82
N LEU D 194 2.29 2.68 -23.09
CA LEU D 194 1.25 2.83 -24.11
C LEU D 194 -0.12 2.44 -23.54
N SER D 195 -1.10 3.29 -23.76
CA SER D 195 -2.46 2.99 -23.31
C SER D 195 -3.14 2.08 -24.31
N MET D 196 -4.28 1.53 -23.90
CA MET D 196 -5.14 0.76 -24.80
C MET D 196 -5.45 1.56 -26.07
N GLU D 197 -5.80 2.83 -25.92
CA GLU D 197 -6.11 3.64 -27.10
C GLU D 197 -4.91 3.92 -28.01
N ASP D 198 -3.73 4.15 -27.44
CA ASP D 198 -2.55 4.29 -28.28
C ASP D 198 -2.38 3.06 -29.16
N VAL D 199 -2.64 1.87 -28.60
CA VAL D 199 -2.41 0.62 -29.34
C VAL D 199 -3.48 0.46 -30.40
N LEU D 200 -4.72 0.80 -30.12
CA LEU D 200 -5.74 0.79 -31.19
C LEU D 200 -5.48 1.80 -32.32
N GLU D 201 -4.96 2.98 -32.03
CA GLU D 201 -4.77 3.95 -33.10
C GLU D 201 -3.68 3.45 -34.02
N ILE D 202 -2.80 2.59 -33.53
CA ILE D 202 -1.73 2.06 -34.40
C ILE D 202 -2.14 0.78 -35.12
N LEU D 203 -2.59 -0.24 -34.39
CA LEU D 203 -3.03 -1.49 -35.00
C LEU D 203 -4.53 -1.35 -35.10
N ARG D 204 -5.07 -1.00 -36.25
CA ARG D 204 -6.45 -0.52 -36.22
C ARG D 204 -7.46 -1.62 -36.37
N ILE D 205 -7.63 -2.42 -35.33
CA ILE D 205 -8.52 -3.56 -35.38
C ILE D 205 -9.39 -3.58 -34.13
N LYS D 206 -10.44 -4.38 -34.15
CA LYS D 206 -11.43 -4.44 -33.07
C LYS D 206 -10.84 -5.09 -31.79
N LEU D 207 -11.03 -4.43 -30.67
CA LEU D 207 -10.59 -4.97 -29.39
C LEU D 207 -11.48 -6.12 -28.97
N VAL D 208 -10.92 -7.27 -28.63
CA VAL D 208 -11.73 -8.42 -28.13
C VAL D 208 -11.46 -8.75 -26.64
N GLY D 209 -10.34 -8.28 -26.09
CA GLY D 209 -10.11 -8.40 -24.66
C GLY D 209 -8.94 -7.59 -24.19
N VAL D 210 -8.92 -7.31 -22.89
CA VAL D 210 -7.75 -6.72 -22.26
C VAL D 210 -7.41 -7.53 -21.00
N ILE D 211 -6.25 -8.16 -21.00
CA ILE D 211 -5.83 -8.95 -19.86
C ILE D 211 -4.89 -8.16 -18.92
N PRO D 212 -5.33 -7.88 -17.69
CA PRO D 212 -4.39 -7.17 -16.82
C PRO D 212 -3.16 -8.01 -16.43
N GLU D 213 -2.02 -7.35 -16.24
CA GLU D 213 -0.90 -7.92 -15.51
C GLU D 213 -1.41 -8.51 -14.21
N ASP D 214 -1.10 -9.77 -13.97
CA ASP D 214 -1.69 -10.45 -12.83
C ASP D 214 -0.70 -11.45 -12.24
N GLN D 215 -0.51 -11.42 -10.95
CA GLN D 215 0.42 -12.38 -10.34
C GLN D 215 -0.16 -13.80 -10.38
N SER D 216 -1.44 -13.91 -10.73
CA SER D 216 -2.08 -15.21 -10.80
C SER D 216 -1.56 -16.03 -11.98
N VAL D 217 -1.06 -15.36 -13.01
CA VAL D 217 -0.68 -16.08 -14.20
C VAL D 217 0.57 -16.95 -13.97
N LEU D 218 1.58 -16.43 -13.27
CA LEU D 218 2.72 -17.26 -12.92
C LEU D 218 2.31 -18.46 -12.05
N ARG D 219 1.42 -18.25 -11.08
CA ARG D 219 0.99 -19.34 -10.19
C ARG D 219 0.23 -20.39 -11.00
N ALA D 220 -0.42 -19.96 -12.07
CA ALA D 220 -1.27 -20.86 -12.85
C ALA D 220 -0.41 -21.79 -13.67
N SER D 221 0.58 -21.24 -14.36
CA SER D 221 1.49 -22.11 -15.11
C SER D 221 2.36 -22.97 -14.20
N ASN D 222 2.70 -22.49 -13.00
CA ASN D 222 3.41 -23.33 -12.02
C ASN D 222 2.67 -24.66 -11.78
N GLN D 223 1.35 -24.58 -11.59
CA GLN D 223 0.50 -25.76 -11.35
C GLN D 223 0.02 -26.49 -12.61
N GLY D 224 0.24 -25.91 -13.80
CA GLY D 224 -0.34 -26.46 -15.01
C GLY D 224 -1.86 -26.35 -15.04
N GLU D 225 -2.39 -25.19 -14.63
CA GLU D 225 -3.82 -24.93 -14.55
C GLU D 225 -4.16 -23.58 -15.21
N PRO D 226 -4.74 -23.59 -16.40
CA PRO D 226 -5.01 -22.34 -17.12
C PRO D 226 -5.69 -21.29 -16.26
N VAL D 227 -5.37 -20.01 -16.47
CA VAL D 227 -5.69 -18.98 -15.49
C VAL D 227 -7.17 -18.67 -15.38
N ILE D 228 -7.96 -19.12 -16.34
CA ILE D 228 -9.38 -18.84 -16.25
C ILE D 228 -10.02 -19.68 -15.13
N LEU D 229 -9.37 -20.78 -14.76
CA LEU D 229 -9.90 -21.67 -13.72
C LEU D 229 -9.73 -21.10 -12.30
N ASP D 230 -8.93 -20.05 -12.17
CA ASP D 230 -8.73 -19.38 -10.89
C ASP D 230 -9.74 -18.24 -10.77
N ILE D 231 -10.85 -18.48 -10.07
CA ILE D 231 -12.00 -17.58 -10.12
C ILE D 231 -11.76 -16.27 -9.38
N ASN D 232 -10.63 -16.15 -8.70
CA ASN D 232 -10.25 -14.88 -8.07
C ASN D 232 -9.28 -14.03 -8.86
N ALA D 233 -8.73 -14.58 -9.94
CA ALA D 233 -7.70 -13.87 -10.70
C ALA D 233 -8.31 -12.87 -11.70
N ASP D 234 -7.83 -11.64 -11.68
CA ASP D 234 -8.36 -10.64 -12.61
C ASP D 234 -8.10 -11.06 -14.05
N ALA D 235 -6.92 -11.59 -14.32
CA ALA D 235 -6.61 -12.10 -15.64
C ALA D 235 -7.61 -13.23 -16.01
N GLY D 236 -8.04 -14.03 -15.03
CA GLY D 236 -9.00 -15.07 -15.33
C GLY D 236 -10.32 -14.47 -15.77
N LYS D 237 -10.79 -13.47 -15.04
CA LYS D 237 -12.06 -12.86 -15.33
C LYS D 237 -12.04 -12.16 -16.69
N ALA D 238 -10.91 -11.57 -17.06
CA ALA D 238 -10.82 -10.84 -18.34
C ALA D 238 -10.79 -11.83 -19.49
N TYR D 239 -10.28 -13.03 -19.22
CA TYR D 239 -10.31 -14.08 -20.22
C TYR D 239 -11.72 -14.65 -20.38
N ALA D 240 -12.47 -14.75 -19.29
CA ALA D 240 -13.86 -15.18 -19.38
C ALA D 240 -14.70 -14.14 -20.15
N ASP D 241 -14.44 -12.85 -19.96
CA ASP D 241 -15.05 -11.80 -20.78
C ASP D 241 -14.75 -11.97 -22.27
N THR D 242 -13.47 -12.15 -22.59
CA THR D 242 -13.05 -12.39 -23.96
C THR D 242 -13.85 -13.55 -24.60
N VAL D 243 -13.98 -14.68 -23.89
CA VAL D 243 -14.70 -15.84 -24.41
C VAL D 243 -16.16 -15.44 -24.71
N GLU D 244 -16.80 -14.70 -23.80
CA GLU D 244 -18.14 -14.21 -24.03
C GLU D 244 -18.19 -13.41 -25.32
N ARG D 245 -17.20 -12.54 -25.53
CA ARG D 245 -17.21 -11.70 -26.72
C ARG D 245 -17.04 -12.52 -27.98
N LEU D 246 -16.28 -13.61 -27.89
CA LEU D 246 -16.07 -14.48 -29.05
C LEU D 246 -17.32 -15.22 -29.37
N LEU D 247 -18.19 -15.39 -28.38
CA LEU D 247 -19.43 -16.14 -28.56
C LEU D 247 -20.57 -15.19 -28.93
N GLY D 248 -20.26 -13.90 -29.04
CA GLY D 248 -21.21 -12.93 -29.55
C GLY D 248 -21.90 -12.04 -28.52
N GLU D 249 -21.57 -12.19 -27.25
CA GLU D 249 -22.14 -11.36 -26.19
C GLU D 249 -21.28 -10.14 -25.90
N GLU D 250 -21.86 -8.96 -25.91
CA GLU D 250 -21.10 -7.80 -25.47
C GLU D 250 -20.80 -7.90 -23.98
N ARG D 251 -19.66 -7.38 -23.56
CA ARG D 251 -19.33 -7.27 -22.15
C ARG D 251 -18.48 -6.03 -21.97
N PRO D 252 -18.76 -5.21 -20.94
CA PRO D 252 -17.93 -4.02 -20.73
C PRO D 252 -16.48 -4.39 -20.45
N PHE D 253 -15.53 -3.56 -20.87
CA PHE D 253 -14.13 -3.85 -20.63
C PHE D 253 -13.72 -3.42 -19.23
N ARG D 254 -13.39 -4.43 -18.42
CA ARG D 254 -12.91 -4.22 -17.06
C ARG D 254 -11.40 -4.13 -17.00
N PHE D 255 -10.89 -3.59 -15.89
CA PHE D 255 -9.45 -3.52 -15.66
C PHE D 255 -8.75 -2.64 -16.70
N ILE D 256 -9.41 -1.60 -17.20
CA ILE D 256 -8.74 -0.63 -18.08
C ILE D 256 -8.55 0.73 -17.40
N GLU D 257 -9.28 0.96 -16.33
CA GLU D 257 -9.07 2.15 -15.50
C GLU D 257 -8.65 1.67 -14.14
N GLU D 258 -7.94 2.51 -13.39
CA GLU D 258 -7.44 2.06 -12.09
C GLU D 258 -8.36 2.43 -10.93
N ASN E 2 10.19 -2.21 36.59
CA ASN E 2 8.80 -2.23 37.07
C ASN E 2 8.28 -0.85 37.48
N THR E 3 7.69 -0.15 36.52
CA THR E 3 7.29 1.21 36.73
C THR E 3 5.87 1.33 37.30
N ALA E 4 5.06 0.29 37.19
CA ALA E 4 3.74 0.28 37.83
C ALA E 4 3.85 0.52 39.34
N ASN E 5 4.88 -0.05 39.97
CA ASN E 5 5.04 0.14 41.42
C ASN E 5 5.43 1.57 41.75
N ILE E 6 6.36 2.15 41.01
CA ILE E 6 6.71 3.56 41.20
C ILE E 6 5.46 4.44 41.05
N ALA E 7 4.65 4.17 40.03
CA ALA E 7 3.45 4.94 39.79
C ALA E 7 2.50 4.91 40.97
N LYS E 8 2.30 3.72 41.50
CA LYS E 8 1.42 3.53 42.64
C LYS E 8 1.86 4.28 43.90
N GLU E 9 3.16 4.26 44.23
CA GLU E 9 3.66 5.01 45.40
C GLU E 9 3.50 6.51 45.20
N ARG E 10 3.81 7.01 43.99
CA ARG E 10 3.80 8.46 43.72
C ARG E 10 2.40 9.01 43.83
N LEU E 11 1.46 8.14 43.46
CA LEU E 11 0.03 8.39 43.48
C LEU E 11 -0.58 8.50 44.86
N GLN E 12 -0.19 7.59 45.74
CA GLN E 12 -0.73 7.55 47.08
C GLN E 12 -0.30 8.80 47.85
N ILE E 13 0.94 9.23 47.67
CA ILE E 13 1.45 10.39 48.36
C ILE E 13 0.62 11.63 48.01
N ILE E 14 0.14 11.72 46.76
CA ILE E 14 -0.60 12.90 46.33
C ILE E 14 -2.08 12.89 46.75
N VAL E 15 -2.70 11.73 46.69
CA VAL E 15 -4.14 11.65 46.87
C VAL E 15 -4.56 11.60 48.36
N ASN F 2 -13.18 -1.44 5.68
CA ASN F 2 -12.26 -0.29 5.61
C ASN F 2 -12.87 1.00 6.16
N THR F 3 -12.65 1.25 7.44
CA THR F 3 -13.35 2.32 8.13
C THR F 3 -12.57 3.64 8.12
N ALA F 4 -11.29 3.59 7.77
CA ALA F 4 -10.52 4.83 7.58
C ALA F 4 -11.11 5.66 6.42
N ASN F 5 -11.61 5.01 5.38
CA ASN F 5 -12.19 5.75 4.28
C ASN F 5 -13.50 6.39 4.69
N ILE F 6 -14.32 5.68 5.45
CA ILE F 6 -15.57 6.26 5.94
C ILE F 6 -15.30 7.46 6.85
N ALA F 7 -14.28 7.34 7.71
CA ALA F 7 -13.88 8.42 8.60
C ALA F 7 -13.49 9.65 7.82
N LYS F 8 -12.65 9.45 6.80
CA LYS F 8 -12.20 10.55 5.97
C LYS F 8 -13.35 11.31 5.30
N GLU F 9 -14.31 10.60 4.73
CA GLU F 9 -15.43 11.27 4.05
C GLU F 9 -16.28 12.05 5.05
N ARG F 10 -16.55 11.46 6.22
CA ARG F 10 -17.43 12.08 7.21
C ARG F 10 -16.83 13.35 7.74
N LEU F 11 -15.50 13.35 7.78
CA LEU F 11 -14.69 14.45 8.24
C LEU F 11 -14.70 15.63 7.30
N GLN F 12 -14.59 15.35 6.01
CA GLN F 12 -14.48 16.42 5.01
C GLN F 12 -15.76 17.21 4.95
N ILE F 13 -16.89 16.51 5.10
CA ILE F 13 -18.20 17.14 5.05
C ILE F 13 -18.39 18.14 6.20
N ILE F 14 -17.76 17.87 7.34
CA ILE F 14 -17.90 18.72 8.53
C ILE F 14 -16.92 19.89 8.57
N VAL F 15 -15.72 19.73 8.03
CA VAL F 15 -14.67 20.72 8.19
C VAL F 15 -14.61 21.74 7.05
N ASN G 2 7.92 11.35 -19.36
CA ASN G 2 6.78 10.67 -20.00
C ASN G 2 7.19 9.91 -21.28
N THR G 3 7.51 8.64 -21.11
CA THR G 3 8.06 7.83 -22.20
C THR G 3 6.98 7.13 -23.07
N ALA G 4 5.76 7.06 -22.57
CA ALA G 4 4.66 6.52 -23.36
C ALA G 4 4.39 7.39 -24.59
N ASN G 5 4.58 8.71 -24.47
CA ASN G 5 4.38 9.58 -25.61
C ASN G 5 5.49 9.41 -26.61
N ILE G 6 6.73 9.26 -26.15
CA ILE G 6 7.83 9.03 -27.09
C ILE G 6 7.63 7.69 -27.84
N ALA G 7 7.20 6.66 -27.10
CA ALA G 7 6.91 5.35 -27.70
C ALA G 7 5.86 5.46 -28.82
N LYS G 8 4.78 6.17 -28.53
CA LYS G 8 3.71 6.35 -29.50
C LYS G 8 4.17 7.03 -30.79
N GLU G 9 4.97 8.10 -30.68
CA GLU G 9 5.43 8.81 -31.88
C GLU G 9 6.37 7.94 -32.71
N ARG G 10 7.25 7.19 -32.04
CA ARG G 10 8.27 6.39 -32.74
C ARG G 10 7.62 5.28 -33.50
N LEU G 11 6.52 4.80 -32.93
CA LEU G 11 5.72 3.72 -33.48
C LEU G 11 4.97 4.12 -34.72
N GLN G 12 4.40 5.33 -34.72
CA GLN G 12 3.54 5.75 -35.82
C GLN G 12 4.39 5.93 -37.05
N ILE G 13 5.60 6.44 -36.86
CA ILE G 13 6.52 6.67 -37.98
C ILE G 13 6.87 5.37 -38.69
N ILE G 14 6.91 4.25 -37.94
CA ILE G 14 7.29 2.95 -38.50
C ILE G 14 6.09 2.25 -39.09
N ASN H 2 1.91 -23.13 -2.38
CA ASN H 2 3.30 -22.99 -2.82
C ASN H 2 3.51 -23.68 -4.17
N THR H 3 3.37 -22.91 -5.24
CA THR H 3 3.40 -23.47 -6.58
C THR H 3 4.82 -23.54 -7.20
N ALA H 4 5.78 -22.83 -6.60
CA ALA H 4 7.18 -22.92 -7.02
C ALA H 4 7.69 -24.35 -6.83
N ASN H 5 7.26 -25.01 -5.77
CA ASN H 5 7.71 -26.38 -5.54
C ASN H 5 7.09 -27.36 -6.54
N ILE H 6 5.82 -27.19 -6.86
CA ILE H 6 5.18 -28.03 -7.87
C ILE H 6 5.87 -27.80 -9.24
N ALA H 7 6.18 -26.55 -9.55
CA ALA H 7 6.88 -26.22 -10.79
C ALA H 7 8.22 -26.96 -10.89
N LYS H 8 8.98 -26.92 -9.80
CA LYS H 8 10.28 -27.56 -9.77
C LYS H 8 10.24 -29.09 -9.98
N GLU H 9 9.27 -29.77 -9.35
CA GLU H 9 9.13 -31.23 -9.53
C GLU H 9 8.72 -31.57 -10.97
N ARG H 10 7.79 -30.80 -11.54
CA ARG H 10 7.27 -31.11 -12.88
C ARG H 10 8.33 -30.96 -13.93
N LEU H 11 9.23 -30.01 -13.65
CA LEU H 11 10.37 -29.67 -14.47
C LEU H 11 11.46 -30.72 -14.53
N GLN H 12 11.79 -31.27 -13.37
CA GLN H 12 12.85 -32.25 -13.25
C GLN H 12 12.48 -33.52 -14.00
N ILE H 13 11.20 -33.90 -13.92
CA ILE H 13 10.72 -35.11 -14.56
C ILE H 13 10.92 -35.02 -16.07
N ILE H 14 10.73 -33.82 -16.62
CA ILE H 14 10.82 -33.63 -18.09
C ILE H 14 12.26 -33.51 -18.61
N VAL H 15 13.13 -32.88 -17.83
CA VAL H 15 14.44 -32.51 -18.33
C VAL H 15 15.43 -33.65 -18.14
#